data_5ABJ
#
_entry.id   5ABJ
#
_cell.length_a   491.600
_cell.length_b   491.600
_cell.length_c   709.560
_cell.angle_alpha   90.00
_cell.angle_beta   90.00
_cell.angle_gamma   90.00
#
_symmetry.space_group_name_H-M   'P 41 21 2'
#
loop_
_entity.id
_entity.type
_entity.pdbx_description
1 polymer VP1
2 polymer VP2
3 polymer VP3
4 polymer VP4
5 non-polymer 'CHLORIDE ION'
6 non-polymer 1-[(3S)-5-[4-[(E)-ETHOXYIMINOMETHYL]PHENOXY]-3-METHYL-PENTYL]-3-PYRIDIN-4-YL-IMIDAZOLIDIN-2-ONE
7 non-polymer 'SODIUM ION'
8 water water
#
loop_
_entity_poly.entity_id
_entity_poly.type
_entity_poly.pdbx_seq_one_letter_code
_entity_poly.pdbx_strand_id
1 'polypeptide(L)'
;GDPIADMIDQTVNNQVNRSLTALQVLPTAANTEASSHRLGTGVVPALQAAETGASSNASDKNLIETRCVLNHHSTQETAI
GNFFSRAGLVSIITMPTTGTQNTDGYVNWDIDLMGYAQLRRKCELFTYMRFDAEFTFVVAKPNGELVPQLLQYMYVPPGA
PKPTSRDSFAWQTATNPSVFVKMTDPPAQVSVPFMSPASAYQWFYDGYPTFGEHLQANDLDYGQCPNNMMGTFSIRTVGT
EKSPHSITLRVYMRIKHVRAWIPRPLRNQPYLFKTNPNYKGNDIKCTSTSRDKITTL
;
A
2 'polypeptide(L)'
;SPSAEACGYSDRVAQLTIGNSTITTQEAANIVIAYGEWPEYCPDTDATAVDKPTRPDVSVNRFFTLDTKSWAKDSKGWYW
KFPDVLTEVGVFGQNAQFHYLYRSGFCVHVQCNASKFHQGALLVAVLPEYVLGTIAGGTGNENSHPPYATTQPGQVGAVL
THPYVLDAGIPLSQLTVCPHQWINLRTNNCATIIVPYMNTVPFDSALNHCNFGLLVIPVVPLDFNAGATSEIPITVTIAP
MCAEFAGLRQAVKQ
;
B
3 'polypeptide(L)'
;GIPTELKPGTNQFLTTDDGVSAPILPGFHPTPPIHIPGEVHNLLEICRVETILEVNNLKTNETTPMQRLCFPVSVQSKTG
ELCAAFRADPGRDGPWQSTILGQLCRYYTQWSGSLEVTFMFAGSFMATGKMLIAYTPPGGNVPADRITAMLGTHVIWDFG
LQSSVTLVVPWISNTHYRAHARAGYFDYYTTGIITIWYQTNYVVPIGAPTTAYIVALAAAQDNFTMKLCKDTEDIEQTAN
IQ
;
C
4 'polypeptide(L)' MGSQVSTQRSGSHENSNSASEGSTINYTTINYYKDAYAASAGRQDMSQDPKKFTDPVMDVIHEMAPPLK D
#
# COMPACT_ATOMS: atom_id res chain seq x y z
N ASP A 2 35.43 6.94 36.15
CA ASP A 2 34.33 7.58 35.37
C ASP A 2 33.46 8.48 36.25
N PRO A 3 33.60 9.80 36.13
CA PRO A 3 32.83 10.77 36.92
C PRO A 3 31.30 10.83 36.69
N ILE A 4 30.85 10.53 35.48
CA ILE A 4 29.42 10.58 35.16
C ILE A 4 28.94 9.27 34.50
N ALA A 5 28.32 8.41 35.30
CA ALA A 5 27.84 7.12 34.82
C ALA A 5 26.82 7.15 33.68
N ASP A 6 25.82 8.02 33.76
CA ASP A 6 24.80 8.06 32.72
C ASP A 6 25.29 8.34 31.30
N MET A 7 26.56 8.73 31.15
CA MET A 7 27.13 8.99 29.83
C MET A 7 27.88 7.77 29.27
N ILE A 8 27.19 6.64 29.11
CA ILE A 8 27.82 5.43 28.57
C ILE A 8 27.00 4.83 27.44
N SER A 19 15.91 -5.45 14.72
CA SER A 19 15.27 -6.00 13.53
C SER A 19 14.99 -7.49 13.68
N LEU A 20 13.73 -7.84 13.99
CA LEU A 20 13.36 -9.25 14.14
C LEU A 20 12.79 -9.82 12.82
N THR A 21 13.47 -9.52 11.71
CA THR A 21 13.06 -10.03 10.39
C THR A 21 14.27 -10.14 9.46
N ALA A 22 14.39 -11.32 8.85
CA ALA A 22 15.49 -11.60 7.92
C ALA A 22 14.98 -12.22 6.61
N LEU A 23 15.70 -11.95 5.53
CA LEU A 23 15.34 -12.46 4.22
C LEU A 23 15.60 -13.96 4.09
N GLN A 24 14.76 -14.62 3.30
CA GLN A 24 14.92 -16.05 3.04
C GLN A 24 14.68 -16.26 1.56
N VAL A 25 15.27 -17.30 1.01
CA VAL A 25 15.08 -17.58 -0.41
C VAL A 25 14.02 -18.68 -0.50
N LEU A 26 12.85 -18.32 -1.02
CA LEU A 26 11.74 -19.25 -1.15
C LEU A 26 11.38 -19.41 -2.62
N PRO A 27 12.11 -20.28 -3.35
CA PRO A 27 11.83 -20.50 -4.76
C PRO A 27 10.52 -21.20 -5.10
N THR A 28 9.98 -21.97 -4.15
CA THR A 28 8.70 -22.64 -4.39
C THR A 28 7.74 -22.47 -3.23
N ALA A 29 6.46 -22.72 -3.49
CA ALA A 29 5.44 -22.63 -2.45
C ALA A 29 5.70 -23.67 -1.36
N ALA A 30 5.29 -23.33 -0.13
CA ALA A 30 5.46 -24.22 1.00
C ALA A 30 4.78 -25.56 0.74
N ASN A 31 5.40 -26.64 1.19
CA ASN A 31 4.80 -27.95 1.03
C ASN A 31 3.76 -28.12 2.14
N THR A 32 2.99 -29.20 2.07
CA THR A 32 2.01 -29.47 3.10
C THR A 32 2.43 -30.79 3.73
N GLU A 33 2.54 -30.79 5.05
CA GLU A 33 2.93 -32.00 5.76
C GLU A 33 1.65 -32.74 6.12
N ALA A 34 1.71 -34.05 6.14
CA ALA A 34 0.52 -34.83 6.49
C ALA A 34 0.29 -34.69 7.99
N SER A 35 -0.97 -34.52 8.39
CA SER A 35 -1.29 -34.38 9.80
C SER A 35 -2.49 -35.26 10.10
N SER A 36 -2.68 -35.60 11.37
CA SER A 36 -3.79 -36.44 11.77
C SER A 36 -4.70 -35.63 12.68
N HIS A 37 -5.50 -36.30 13.51
CA HIS A 37 -6.39 -35.58 14.41
C HIS A 37 -5.73 -35.20 15.72
N ARG A 38 -6.10 -34.03 16.24
CA ARG A 38 -5.57 -33.54 17.51
C ARG A 38 -6.76 -33.33 18.42
N LEU A 39 -6.78 -34.01 19.56
CA LEU A 39 -7.87 -33.88 20.52
C LEU A 39 -7.31 -33.54 21.90
N GLY A 40 -7.18 -32.26 22.21
CA GLY A 40 -6.65 -31.88 23.50
C GLY A 40 -6.96 -30.47 23.98
N THR A 41 -6.56 -30.18 25.22
CA THR A 41 -6.79 -28.87 25.82
C THR A 41 -5.52 -28.02 25.82
N GLY A 42 -5.63 -26.78 26.31
CA GLY A 42 -4.49 -25.88 26.38
C GLY A 42 -4.02 -25.29 25.07
N VAL A 43 -4.00 -26.12 24.03
CA VAL A 43 -3.55 -25.72 22.69
C VAL A 43 -4.73 -25.38 21.75
N VAL A 44 -4.74 -24.16 21.19
CA VAL A 44 -5.82 -23.75 20.30
C VAL A 44 -5.35 -22.88 19.12
N PRO A 45 -4.81 -23.50 18.05
CA PRO A 45 -4.31 -22.84 16.85
C PRO A 45 -5.36 -22.05 16.07
N ALA A 46 -6.62 -22.49 16.15
CA ALA A 46 -7.71 -21.84 15.43
C ALA A 46 -8.10 -20.49 16.01
N LEU A 47 -7.88 -20.28 17.31
CA LEU A 47 -8.21 -19.01 17.93
C LEU A 47 -7.09 -17.99 17.74
N GLN A 48 -7.47 -16.78 17.36
CA GLN A 48 -6.52 -15.70 17.11
C GLN A 48 -6.97 -14.39 17.79
N ALA A 49 -6.13 -13.37 17.69
CA ALA A 49 -6.43 -12.05 18.27
C ALA A 49 -5.96 -11.01 17.26
N ALA A 50 -6.81 -10.75 16.27
CA ALA A 50 -6.49 -9.81 15.21
C ALA A 50 -6.14 -8.41 15.73
N GLU A 51 -6.49 -8.11 16.98
CA GLU A 51 -6.18 -6.80 17.53
C GLU A 51 -4.69 -6.51 17.58
N THR A 52 -3.88 -7.56 17.74
CA THR A 52 -2.44 -7.38 17.84
C THR A 52 -1.84 -6.71 16.61
N GLY A 53 -2.54 -6.83 15.48
CA GLY A 53 -2.04 -6.24 14.25
C GLY A 53 -1.35 -7.29 13.40
N ALA A 54 -1.32 -8.51 13.90
CA ALA A 54 -0.69 -9.62 13.18
C ALA A 54 -1.71 -10.44 12.40
N SER A 55 -1.27 -11.03 11.29
CA SER A 55 -2.15 -11.87 10.50
C SER A 55 -2.15 -13.24 11.17
N SER A 56 -3.16 -14.04 10.87
CA SER A 56 -3.28 -15.37 11.45
C SER A 56 -2.11 -16.26 11.08
N ASN A 57 -1.66 -17.06 12.04
CA ASN A 57 -0.56 -17.99 11.81
C ASN A 57 -1.09 -19.42 11.61
N ALA A 58 -2.41 -19.58 11.62
CA ALA A 58 -3.02 -20.89 11.42
C ALA A 58 -2.74 -21.37 9.99
N SER A 59 -2.49 -22.66 9.86
CA SER A 59 -2.18 -23.28 8.58
C SER A 59 -3.15 -24.46 8.35
N ASP A 60 -3.22 -24.96 7.10
CA ASP A 60 -4.10 -26.08 6.79
C ASP A 60 -4.07 -27.23 7.79
N LYS A 61 -2.88 -27.69 8.15
CA LYS A 61 -2.76 -28.82 9.07
C LYS A 61 -3.27 -28.60 10.49
N ASN A 62 -3.41 -27.32 10.88
CA ASN A 62 -3.91 -26.99 12.20
C ASN A 62 -5.43 -27.12 12.30
N LEU A 63 -6.12 -26.89 11.18
CA LEU A 63 -7.58 -26.94 11.14
C LEU A 63 -8.19 -28.18 10.51
N ILE A 64 -7.41 -28.96 9.78
CA ILE A 64 -7.95 -30.16 9.13
C ILE A 64 -6.88 -31.24 9.00
N GLU A 65 -7.30 -32.45 8.64
CA GLU A 65 -6.33 -33.53 8.43
C GLU A 65 -5.84 -33.35 7.01
N THR A 66 -4.53 -33.25 6.85
CA THR A 66 -3.93 -33.05 5.54
C THR A 66 -3.08 -34.23 5.10
N ARG A 67 -2.81 -34.29 3.80
CA ARG A 67 -1.97 -35.33 3.22
C ARG A 67 -0.65 -34.61 2.96
N CYS A 68 0.33 -35.31 2.42
CA CYS A 68 1.59 -34.66 2.11
C CYS A 68 1.52 -34.19 0.67
N VAL A 69 1.97 -32.96 0.41
CA VAL A 69 1.98 -32.43 -0.96
C VAL A 69 3.35 -31.83 -1.17
N LEU A 70 4.08 -32.33 -2.16
CA LEU A 70 5.39 -31.78 -2.49
C LEU A 70 5.08 -30.73 -3.53
N ASN A 71 4.98 -29.48 -3.08
CA ASN A 71 4.65 -28.36 -3.93
C ASN A 71 5.86 -27.74 -4.64
N HIS A 72 5.87 -27.85 -5.97
CA HIS A 72 6.97 -27.31 -6.78
C HIS A 72 6.58 -26.00 -7.48
N HIS A 73 5.44 -25.42 -7.11
CA HIS A 73 4.98 -24.18 -7.72
C HIS A 73 5.95 -23.01 -7.50
N SER A 74 6.41 -22.41 -8.59
CA SER A 74 7.36 -21.31 -8.51
C SER A 74 6.77 -20.01 -7.99
N THR A 75 7.63 -19.22 -7.35
CA THR A 75 7.25 -17.94 -6.77
C THR A 75 7.97 -16.82 -7.50
N GLN A 76 8.64 -17.17 -8.60
CA GLN A 76 9.40 -16.20 -9.35
C GLN A 76 8.62 -15.13 -10.11
N GLU A 77 7.44 -15.45 -10.63
CA GLU A 77 6.73 -14.44 -11.39
C GLU A 77 6.13 -13.32 -10.56
N THR A 78 6.08 -13.49 -9.24
CA THR A 78 5.52 -12.44 -8.42
C THR A 78 6.61 -11.57 -7.78
N ALA A 79 7.85 -11.74 -8.24
CA ALA A 79 8.96 -10.93 -7.76
C ALA A 79 8.70 -9.53 -8.35
N ILE A 80 8.79 -8.48 -7.53
CA ILE A 80 8.49 -7.14 -8.06
C ILE A 80 9.16 -6.87 -9.39
N GLY A 81 10.33 -7.45 -9.61
CA GLY A 81 11.02 -7.24 -10.87
C GLY A 81 10.22 -7.67 -12.09
N ASN A 82 9.60 -8.85 -12.04
CA ASN A 82 8.81 -9.32 -13.18
C ASN A 82 7.45 -8.66 -13.28
N PHE A 83 7.02 -8.03 -12.20
CA PHE A 83 5.74 -7.36 -12.16
C PHE A 83 5.89 -6.02 -12.89
N PHE A 84 6.99 -5.32 -12.65
CA PHE A 84 7.25 -4.01 -13.26
C PHE A 84 7.99 -3.97 -14.59
N SER A 85 8.89 -4.93 -14.84
CA SER A 85 9.68 -4.89 -16.06
C SER A 85 8.95 -5.29 -17.33
N ARG A 86 7.86 -4.57 -17.62
CA ARG A 86 7.04 -4.79 -18.79
C ARG A 86 6.73 -3.39 -19.29
N ALA A 87 7.24 -3.03 -20.48
CA ALA A 87 7.01 -1.69 -21.04
C ALA A 87 5.53 -1.33 -21.12
N GLY A 88 5.23 -0.10 -20.69
CA GLY A 88 3.86 0.39 -20.71
C GLY A 88 3.83 1.85 -21.14
N LEU A 89 2.72 2.28 -21.73
CA LEU A 89 2.57 3.66 -22.20
C LEU A 89 2.59 4.69 -21.06
N VAL A 90 3.38 5.75 -21.23
CA VAL A 90 3.45 6.81 -20.21
C VAL A 90 3.27 8.20 -20.80
N SER A 91 3.16 8.29 -22.12
CA SER A 91 2.98 9.58 -22.76
C SER A 91 2.69 9.50 -24.26
N ILE A 92 1.82 10.39 -24.73
CA ILE A 92 1.51 10.48 -26.15
C ILE A 92 1.75 11.94 -26.50
N ILE A 93 2.75 12.19 -27.34
CA ILE A 93 3.10 13.54 -27.74
C ILE A 93 2.72 13.72 -29.20
N THR A 94 1.79 14.62 -29.48
CA THR A 94 1.38 14.86 -30.86
C THR A 94 1.96 16.18 -31.34
N MET A 95 2.18 16.27 -32.63
CA MET A 95 2.76 17.45 -33.25
C MET A 95 2.05 17.61 -34.59
N PRO A 96 0.86 18.24 -34.57
CA PRO A 96 0.06 18.48 -35.77
C PRO A 96 0.61 19.56 -36.70
N THR A 97 0.18 19.51 -37.96
CA THR A 97 0.62 20.48 -38.98
C THR A 97 -0.27 21.74 -39.01
N THR A 98 -1.57 21.54 -38.83
CA THR A 98 -2.52 22.66 -38.82
C THR A 98 -3.50 22.49 -37.66
N GLY A 99 -3.78 23.59 -36.97
CA GLY A 99 -4.71 23.52 -35.86
C GLY A 99 -4.35 24.35 -34.64
N THR A 100 -4.76 23.86 -33.47
CA THR A 100 -4.51 24.52 -32.19
C THR A 100 -3.10 24.31 -31.65
N GLN A 101 -2.69 23.05 -31.53
CA GLN A 101 -1.37 22.68 -31.00
C GLN A 101 -0.18 23.17 -31.82
N ASN A 102 1.03 22.84 -31.35
CA ASN A 102 2.27 23.25 -32.01
C ASN A 102 2.40 22.87 -33.48
N THR A 103 2.18 23.87 -34.33
CA THR A 103 2.29 23.71 -35.78
C THR A 103 3.65 24.30 -36.17
N ASP A 104 4.51 24.46 -35.15
CA ASP A 104 5.83 25.03 -35.35
C ASP A 104 6.88 23.96 -35.60
N GLY A 105 6.49 22.69 -35.50
CA GLY A 105 7.42 21.61 -35.74
C GLY A 105 8.28 21.18 -34.56
N TYR A 106 7.86 21.55 -33.36
CA TYR A 106 8.60 21.18 -32.16
C TYR A 106 7.67 21.14 -30.95
N VAL A 107 7.98 20.29 -29.97
CA VAL A 107 7.17 20.17 -28.76
C VAL A 107 8.04 19.95 -27.53
N ASN A 108 7.67 20.61 -26.43
CA ASN A 108 8.38 20.46 -25.16
C ASN A 108 7.42 19.75 -24.23
N TRP A 109 7.85 18.62 -23.69
CA TRP A 109 7.00 17.87 -22.77
C TRP A 109 7.66 17.73 -21.41
N ASP A 110 6.98 18.16 -20.35
CA ASP A 110 7.55 18.02 -19.02
C ASP A 110 7.32 16.58 -18.60
N ILE A 111 8.41 15.92 -18.23
CA ILE A 111 8.34 14.52 -17.86
C ILE A 111 7.52 14.24 -16.62
N ASP A 112 6.43 13.50 -16.81
CA ASP A 112 5.51 13.12 -15.75
C ASP A 112 4.84 11.81 -16.20
N LEU A 113 5.12 10.73 -15.49
CA LEU A 113 4.59 9.42 -15.84
C LEU A 113 3.21 9.11 -15.28
N MET A 114 2.58 10.09 -14.64
CA MET A 114 1.28 9.86 -14.02
C MET A 114 0.07 10.14 -14.92
N GLY A 115 0.31 10.27 -16.22
CA GLY A 115 -0.78 10.55 -17.13
C GLY A 115 -1.63 9.37 -17.57
N TYR A 116 -1.16 8.15 -17.33
CA TYR A 116 -1.92 6.97 -17.75
C TYR A 116 -2.12 6.00 -16.60
N ALA A 117 -3.37 5.57 -16.43
CA ALA A 117 -3.77 4.71 -15.33
C ALA A 117 -3.09 3.35 -15.12
N GLN A 118 -3.09 2.48 -16.13
CA GLN A 118 -2.51 1.17 -15.95
C GLN A 118 -1.16 1.17 -15.24
N LEU A 119 -0.19 1.87 -15.82
CA LEU A 119 1.15 1.93 -15.24
C LEU A 119 1.20 2.68 -13.92
N ARG A 120 0.36 3.70 -13.78
CA ARG A 120 0.34 4.49 -12.55
C ARG A 120 -0.15 3.71 -11.34
N ARG A 121 -1.24 2.97 -11.51
CA ARG A 121 -1.80 2.21 -10.41
C ARG A 121 -0.80 1.17 -9.90
N LYS A 122 -0.01 0.62 -10.81
CA LYS A 122 0.98 -0.39 -10.43
C LYS A 122 2.07 0.26 -9.58
N CYS A 123 2.56 1.42 -9.99
CA CYS A 123 3.60 2.10 -9.24
C CYS A 123 3.12 2.57 -7.87
N GLU A 124 1.91 3.12 -7.83
CA GLU A 124 1.36 3.64 -6.58
C GLU A 124 1.04 2.57 -5.54
N LEU A 125 1.40 1.33 -5.84
CA LEU A 125 1.18 0.23 -4.89
C LEU A 125 2.25 0.41 -3.80
N PHE A 126 3.30 1.14 -4.15
CA PHE A 126 4.40 1.40 -3.24
C PHE A 126 4.57 2.90 -2.99
N THR A 127 5.17 3.24 -1.86
CA THR A 127 5.41 4.63 -1.52
C THR A 127 6.69 5.14 -2.17
N TYR A 128 7.78 4.36 -2.04
CA TYR A 128 9.06 4.75 -2.60
C TYR A 128 9.56 3.69 -3.60
N MET A 129 10.16 4.15 -4.69
CA MET A 129 10.70 3.25 -5.70
C MET A 129 11.96 3.83 -6.30
N ARG A 130 12.95 2.95 -6.49
CA ARG A 130 14.24 3.31 -7.04
C ARG A 130 14.46 2.37 -8.22
N PHE A 131 14.83 2.92 -9.37
CA PHE A 131 15.02 2.06 -10.54
C PHE A 131 15.63 2.74 -11.75
N ASP A 132 16.10 1.92 -12.69
CA ASP A 132 16.64 2.41 -13.95
C ASP A 132 15.45 2.15 -14.90
N ALA A 133 15.49 2.70 -16.10
CA ALA A 133 14.38 2.48 -17.01
C ALA A 133 14.79 2.45 -18.47
N GLU A 134 14.05 1.68 -19.25
CA GLU A 134 14.30 1.55 -20.67
C GLU A 134 13.16 2.27 -21.38
N PHE A 135 13.48 3.32 -22.11
CA PHE A 135 12.46 4.08 -22.83
C PHE A 135 12.48 3.75 -24.32
N THR A 136 11.31 3.42 -24.85
CA THR A 136 11.18 3.10 -26.26
C THR A 136 10.27 4.16 -26.89
N PHE A 137 10.63 4.63 -28.09
CA PHE A 137 9.86 5.67 -28.77
C PHE A 137 9.24 5.21 -30.08
N VAL A 138 7.94 4.93 -30.05
CA VAL A 138 7.21 4.49 -31.24
C VAL A 138 6.59 5.72 -31.91
N VAL A 139 7.05 6.03 -33.12
CA VAL A 139 6.55 7.20 -33.81
C VAL A 139 5.94 6.84 -35.17
N ALA A 140 4.90 7.58 -35.54
CA ALA A 140 4.20 7.39 -36.81
C ALA A 140 3.23 8.56 -37.06
N LYS A 141 2.47 8.50 -38.17
CA LYS A 141 1.48 9.54 -38.45
C LYS A 141 0.22 9.17 -37.65
N PRO A 142 -0.68 10.14 -37.40
CA PRO A 142 -1.91 9.87 -36.63
C PRO A 142 -2.72 8.65 -37.08
N ASN A 143 -2.61 8.26 -38.34
CA ASN A 143 -3.36 7.12 -38.84
C ASN A 143 -2.50 5.86 -38.86
N GLY A 144 -1.33 5.92 -38.25
CA GLY A 144 -0.45 4.77 -38.19
C GLY A 144 0.45 4.55 -39.41
N GLU A 145 0.38 5.42 -40.41
CA GLU A 145 1.25 5.26 -41.57
C GLU A 145 2.62 5.79 -41.23
N LEU A 146 3.60 5.44 -42.04
CA LEU A 146 4.97 5.89 -41.81
C LEU A 146 5.51 6.59 -43.04
N VAL A 147 6.27 7.66 -42.83
CA VAL A 147 6.85 8.40 -43.94
C VAL A 147 8.32 8.69 -43.63
N PRO A 148 9.13 8.95 -44.66
CA PRO A 148 10.56 9.24 -44.47
C PRO A 148 10.81 10.61 -43.84
N GLN A 149 10.62 10.69 -42.53
CA GLN A 149 10.81 11.94 -41.79
C GLN A 149 11.94 11.80 -40.74
N LEU A 150 12.85 12.77 -40.71
CA LEU A 150 13.95 12.75 -39.75
C LEU A 150 13.53 13.51 -38.49
N LEU A 151 13.68 12.86 -37.33
CA LEU A 151 13.30 13.46 -36.06
C LEU A 151 14.48 13.57 -35.08
N GLN A 152 14.34 14.45 -34.10
CA GLN A 152 15.36 14.61 -33.07
C GLN A 152 14.67 14.62 -31.71
N TYR A 153 15.14 13.75 -30.80
CA TYR A 153 14.58 13.72 -29.45
C TYR A 153 15.73 14.22 -28.56
N MET A 154 15.44 15.17 -27.69
CA MET A 154 16.48 15.69 -26.81
C MET A 154 16.03 15.73 -25.36
N TYR A 155 16.92 15.34 -24.47
CA TYR A 155 16.61 15.36 -23.04
C TYR A 155 17.15 16.68 -22.47
N VAL A 156 16.26 17.49 -21.92
CA VAL A 156 16.65 18.78 -21.37
C VAL A 156 16.48 18.77 -19.86
N PRO A 157 17.57 18.48 -19.13
CA PRO A 157 17.58 18.43 -17.66
C PRO A 157 17.18 19.76 -17.05
N PRO A 158 16.66 19.74 -15.81
CA PRO A 158 16.24 20.97 -15.13
C PRO A 158 17.39 21.98 -15.12
N GLY A 159 17.13 23.19 -15.56
CA GLY A 159 18.18 24.20 -15.56
C GLY A 159 18.79 24.43 -16.92
N ALA A 160 18.58 23.50 -17.85
CA ALA A 160 19.12 23.66 -19.20
C ALA A 160 18.09 24.41 -20.04
N PRO A 161 18.54 25.26 -20.97
CA PRO A 161 17.65 26.04 -21.84
C PRO A 161 16.76 25.19 -22.74
N LYS A 162 15.44 25.38 -22.64
CA LYS A 162 14.48 24.64 -23.47
C LYS A 162 14.41 25.30 -24.83
N PRO A 163 14.33 24.48 -25.89
CA PRO A 163 14.24 25.07 -27.23
C PRO A 163 12.94 25.89 -27.33
N THR A 164 12.98 27.02 -28.03
CA THR A 164 11.80 27.88 -28.18
C THR A 164 11.23 27.85 -29.59
N SER A 165 11.97 27.26 -30.52
CA SER A 165 11.53 27.15 -31.90
C SER A 165 12.17 25.91 -32.49
N ARG A 166 11.93 25.67 -33.78
CA ARG A 166 12.49 24.52 -34.45
C ARG A 166 13.98 24.73 -34.73
N ASP A 167 14.44 25.98 -34.70
CA ASP A 167 15.85 26.29 -34.95
C ASP A 167 16.58 26.84 -33.75
N SER A 168 16.00 26.69 -32.56
CA SER A 168 16.64 27.19 -31.35
C SER A 168 18.07 26.65 -31.26
N PHE A 169 18.99 27.43 -30.69
CA PHE A 169 20.38 27.00 -30.55
C PHE A 169 20.48 25.73 -29.69
N ALA A 170 19.54 25.56 -28.77
CA ALA A 170 19.55 24.40 -27.88
C ALA A 170 19.69 23.06 -28.62
N TRP A 171 19.21 23.02 -29.86
CA TRP A 171 19.26 21.79 -30.66
C TRP A 171 20.68 21.44 -31.08
N GLN A 172 21.63 22.31 -30.77
CA GLN A 172 23.04 22.06 -31.07
C GLN A 172 23.46 20.86 -30.20
N THR A 173 22.70 20.67 -29.12
CA THR A 173 22.86 19.57 -28.16
C THR A 173 24.31 19.17 -27.85
N ALA A 174 25.16 20.17 -27.66
CA ALA A 174 26.58 19.93 -27.37
C ALA A 174 26.84 19.18 -26.07
N THR A 175 25.89 19.20 -25.15
CA THR A 175 26.07 18.52 -23.87
C THR A 175 24.87 17.62 -23.52
N ASN A 176 23.66 18.10 -23.81
CA ASN A 176 22.47 17.29 -23.53
C ASN A 176 22.51 16.08 -24.45
N PRO A 177 21.88 14.98 -24.02
CA PRO A 177 21.88 13.80 -24.89
C PRO A 177 20.72 13.89 -25.88
N SER A 178 21.01 13.66 -27.16
CA SER A 178 19.97 13.71 -28.19
C SER A 178 19.97 12.40 -28.96
N VAL A 179 18.84 12.09 -29.59
CA VAL A 179 18.70 10.91 -30.41
C VAL A 179 18.13 11.34 -31.76
N PHE A 180 18.83 11.02 -32.84
CA PHE A 180 18.36 11.35 -34.18
C PHE A 180 17.92 10.02 -34.80
N VAL A 181 16.72 9.98 -35.35
CA VAL A 181 16.21 8.75 -35.93
C VAL A 181 15.13 9.06 -36.97
N LYS A 182 14.92 8.13 -37.91
CA LYS A 182 13.90 8.31 -38.94
C LYS A 182 12.59 7.67 -38.46
N MET A 183 11.47 8.18 -38.96
CA MET A 183 10.16 7.62 -38.59
C MET A 183 10.05 6.21 -39.20
N THR A 184 10.88 5.92 -40.19
CA THR A 184 10.86 4.62 -40.85
C THR A 184 11.79 3.62 -40.20
N ASP A 185 12.64 4.08 -39.27
CA ASP A 185 13.56 3.19 -38.57
C ASP A 185 12.74 2.47 -37.50
N PRO A 186 13.34 1.47 -36.84
CA PRO A 186 12.56 0.79 -35.79
C PRO A 186 12.45 1.80 -34.64
N PRO A 187 11.63 1.50 -33.62
CA PRO A 187 11.50 2.45 -32.51
C PRO A 187 12.84 2.73 -31.84
N ALA A 188 13.13 3.99 -31.54
CA ALA A 188 14.39 4.30 -30.86
C ALA A 188 14.26 3.74 -29.45
N GLN A 189 15.40 3.42 -28.81
CA GLN A 189 15.37 2.86 -27.47
C GLN A 189 16.65 3.19 -26.71
N VAL A 190 16.51 3.64 -25.47
CA VAL A 190 17.67 4.00 -24.67
C VAL A 190 17.47 3.65 -23.20
N SER A 191 18.57 3.52 -22.46
CA SER A 191 18.50 3.24 -21.02
C SER A 191 18.72 4.53 -20.27
N VAL A 192 17.97 4.71 -19.19
CA VAL A 192 18.05 5.89 -18.35
C VAL A 192 18.35 5.46 -16.91
N PRO A 193 19.32 6.12 -16.25
CA PRO A 193 19.66 5.77 -14.86
C PRO A 193 18.71 6.35 -13.83
N PHE A 194 18.99 6.08 -12.56
CA PHE A 194 18.17 6.62 -11.49
C PHE A 194 18.73 8.02 -11.29
N MET A 195 17.95 9.05 -11.64
CA MET A 195 18.41 10.42 -11.59
C MET A 195 17.98 11.37 -10.48
N SER A 196 17.20 10.88 -9.51
CA SER A 196 16.76 11.77 -8.45
C SER A 196 17.88 12.26 -7.53
N PRO A 197 17.69 13.43 -6.91
CA PRO A 197 18.74 13.91 -6.01
C PRO A 197 18.59 13.12 -4.69
N ALA A 198 17.40 12.57 -4.49
CA ALA A 198 17.11 11.77 -3.29
C ALA A 198 17.49 10.31 -3.57
N SER A 199 17.32 9.43 -2.59
CA SER A 199 17.68 8.02 -2.76
C SER A 199 16.63 7.17 -3.47
N ALA A 200 15.44 7.72 -3.70
CA ALA A 200 14.39 6.99 -4.37
C ALA A 200 13.32 7.96 -4.81
N TYR A 201 12.58 7.60 -5.85
CA TYR A 201 11.49 8.47 -6.29
C TYR A 201 10.37 8.17 -5.30
N GLN A 202 9.43 9.09 -5.13
CA GLN A 202 8.31 8.85 -4.25
C GLN A 202 7.04 9.32 -4.94
N TRP A 203 6.07 8.41 -5.04
CA TRP A 203 4.81 8.70 -5.71
C TRP A 203 3.90 9.55 -4.82
N PHE A 204 4.27 9.66 -3.54
CA PHE A 204 3.49 10.42 -2.57
C PHE A 204 4.41 11.22 -1.69
N TYR A 205 4.13 12.52 -1.60
CA TYR A 205 4.94 13.43 -0.80
C TYR A 205 4.02 14.30 0.04
N ASP A 206 3.70 13.86 1.26
CA ASP A 206 2.83 14.63 2.13
C ASP A 206 3.51 15.84 2.75
N GLY A 207 3.69 16.88 1.93
CA GLY A 207 4.33 18.10 2.40
C GLY A 207 4.33 19.19 1.34
N TYR A 208 5.15 20.22 1.56
CA TYR A 208 5.25 21.34 0.64
C TYR A 208 6.69 21.44 0.16
N PRO A 209 6.90 22.02 -1.03
CA PRO A 209 8.28 22.14 -1.53
C PRO A 209 9.11 23.23 -0.86
N THR A 210 8.46 24.31 -0.41
CA THR A 210 9.20 25.41 0.20
C THR A 210 8.59 25.90 1.50
N PHE A 211 9.34 26.76 2.21
CA PHE A 211 8.88 27.35 3.47
C PHE A 211 7.93 28.50 3.17
N GLY A 212 7.45 29.15 4.22
CA GLY A 212 6.55 30.29 4.05
C GLY A 212 5.11 29.98 4.38
N GLU A 213 4.25 30.98 4.25
CA GLU A 213 2.83 30.78 4.53
C GLU A 213 2.24 30.03 3.34
N HIS A 214 1.24 29.19 3.59
CA HIS A 214 0.64 28.42 2.53
C HIS A 214 -0.82 28.81 2.35
N LEU A 215 -1.02 29.98 1.75
CA LEU A 215 -2.35 30.52 1.49
C LEU A 215 -3.01 29.72 0.37
N GLN A 216 -4.33 29.74 0.32
CA GLN A 216 -5.09 29.02 -0.69
C GLN A 216 -4.66 29.34 -2.12
N ALA A 217 -4.03 30.50 -2.31
CA ALA A 217 -3.57 30.91 -3.63
C ALA A 217 -2.44 29.99 -4.15
N ASN A 218 -1.67 29.42 -3.22
CA ASN A 218 -0.57 28.53 -3.59
C ASN A 218 -0.72 27.11 -3.08
N ASP A 219 -1.97 26.67 -2.88
CA ASP A 219 -2.21 25.31 -2.39
C ASP A 219 -1.83 24.27 -3.45
N LEU A 220 -1.58 24.71 -4.67
CA LEU A 220 -1.20 23.78 -5.74
C LEU A 220 0.22 23.25 -5.52
N ASP A 221 0.89 23.77 -4.49
CA ASP A 221 2.24 23.34 -4.15
C ASP A 221 2.20 22.00 -3.41
N TYR A 222 1.15 21.82 -2.62
CA TYR A 222 0.98 20.61 -1.82
C TYR A 222 1.17 19.32 -2.60
N GLY A 223 2.08 18.47 -2.12
CA GLY A 223 2.34 17.21 -2.77
C GLY A 223 3.38 17.24 -3.88
N GLN A 224 3.89 18.42 -4.20
CA GLN A 224 4.89 18.53 -5.26
C GLN A 224 6.30 18.43 -4.69
N CYS A 225 7.03 17.41 -5.12
CA CYS A 225 8.40 17.21 -4.65
C CYS A 225 9.38 17.28 -5.81
N PRO A 226 10.23 18.32 -5.83
CA PRO A 226 11.23 18.52 -6.90
C PRO A 226 12.10 17.28 -7.15
N ASN A 227 12.24 16.42 -6.14
CA ASN A 227 13.05 15.22 -6.28
C ASN A 227 12.46 14.29 -7.34
N ASN A 228 11.23 14.55 -7.77
CA ASN A 228 10.57 13.73 -8.79
C ASN A 228 10.54 14.43 -10.16
N MET A 229 10.91 15.71 -10.17
CA MET A 229 10.89 16.48 -11.41
C MET A 229 12.19 16.34 -12.17
N MET A 230 12.16 15.46 -13.17
CA MET A 230 13.33 15.14 -13.99
C MET A 230 13.62 16.01 -15.21
N GLY A 231 12.80 17.04 -15.44
CA GLY A 231 13.06 17.90 -16.58
C GLY A 231 12.14 17.81 -17.77
N THR A 232 12.66 18.23 -18.92
CA THR A 232 11.90 18.26 -20.15
C THR A 232 12.39 17.33 -21.25
N PHE A 233 11.45 16.81 -22.03
CA PHE A 233 11.76 15.95 -23.17
C PHE A 233 11.34 16.74 -24.41
N SER A 234 12.31 17.20 -25.18
CA SER A 234 12.01 18.00 -26.37
C SER A 234 12.16 17.21 -27.66
N ILE A 235 11.26 17.46 -28.61
CA ILE A 235 11.29 16.77 -29.89
C ILE A 235 10.95 17.72 -31.04
N ARG A 236 11.53 17.48 -32.20
CA ARG A 236 11.30 18.32 -33.37
C ARG A 236 11.60 17.55 -34.66
N THR A 237 11.24 18.15 -35.79
CA THR A 237 11.54 17.57 -37.08
C THR A 237 12.84 18.30 -37.43
N VAL A 238 13.83 17.57 -37.91
CA VAL A 238 15.12 18.16 -38.24
C VAL A 238 15.10 18.93 -39.56
N GLY A 239 14.96 20.25 -39.46
CA GLY A 239 14.95 21.05 -40.67
C GLY A 239 14.58 22.50 -40.42
N THR A 240 15.02 23.39 -41.31
CA THR A 240 14.71 24.81 -41.17
C THR A 240 13.32 25.11 -41.73
N GLU A 241 12.80 24.22 -42.57
CA GLU A 241 11.47 24.41 -43.14
C GLU A 241 10.47 23.50 -42.45
N LYS A 242 9.21 23.91 -42.45
CA LYS A 242 8.16 23.13 -41.81
C LYS A 242 7.89 21.82 -42.51
N SER A 243 7.61 20.77 -41.74
CA SER A 243 7.32 19.48 -42.32
C SER A 243 5.82 19.36 -42.58
N PRO A 244 5.44 18.77 -43.71
CA PRO A 244 4.04 18.60 -44.07
C PRO A 244 3.35 17.41 -43.40
N HIS A 245 4.06 16.72 -42.51
CA HIS A 245 3.50 15.55 -41.85
C HIS A 245 3.15 15.68 -40.38
N SER A 246 1.97 15.20 -40.01
CA SER A 246 1.54 15.22 -38.61
C SER A 246 2.27 14.06 -37.96
N ILE A 247 2.66 14.25 -36.71
CA ILE A 247 3.41 13.22 -36.00
C ILE A 247 2.86 12.89 -34.62
N THR A 248 2.79 11.60 -34.30
CA THR A 248 2.35 11.15 -32.99
C THR A 248 3.46 10.29 -32.41
N LEU A 249 3.89 10.65 -31.20
CA LEU A 249 4.96 9.93 -30.53
C LEU A 249 4.42 9.24 -29.30
N ARG A 250 4.49 7.91 -29.27
CA ARG A 250 4.05 7.17 -28.10
C ARG A 250 5.30 6.73 -27.33
N VAL A 251 5.38 7.15 -26.08
CA VAL A 251 6.51 6.83 -25.22
C VAL A 251 6.21 5.68 -24.26
N TYR A 252 7.07 4.67 -24.29
CA TYR A 252 6.91 3.51 -23.41
C TYR A 252 8.08 3.40 -22.44
N MET A 253 7.77 3.07 -21.20
CA MET A 253 8.80 2.92 -20.18
C MET A 253 8.82 1.51 -19.63
N ARG A 254 10.03 0.99 -19.44
CA ARG A 254 10.21 -0.34 -18.89
C ARG A 254 11.14 -0.26 -17.69
N ILE A 255 10.59 -0.48 -16.51
CA ILE A 255 11.34 -0.43 -15.28
C ILE A 255 12.27 -1.65 -15.18
N LYS A 256 13.49 -1.43 -14.68
CA LYS A 256 14.47 -2.50 -14.50
C LYS A 256 15.41 -2.15 -13.33
N HIS A 257 15.93 -3.17 -12.65
CA HIS A 257 16.83 -2.99 -11.51
C HIS A 257 16.06 -2.20 -10.46
N VAL A 258 14.85 -2.68 -10.16
CA VAL A 258 13.95 -1.99 -9.24
C VAL A 258 13.97 -2.43 -7.78
N ARG A 259 13.66 -1.47 -6.91
CA ARG A 259 13.55 -1.71 -5.48
C ARG A 259 12.35 -0.90 -5.02
N ALA A 260 11.48 -1.51 -4.21
CA ALA A 260 10.29 -0.80 -3.74
C ALA A 260 10.14 -0.86 -2.23
N TRP A 261 9.60 0.22 -1.65
CA TRP A 261 9.41 0.30 -0.21
C TRP A 261 8.01 0.76 0.19
N ILE A 262 7.52 0.20 1.29
CA ILE A 262 6.23 0.56 1.88
C ILE A 262 4.98 0.39 1.03
N PRO A 263 4.40 -0.82 1.04
CA PRO A 263 3.19 -1.06 0.25
C PRO A 263 2.01 -0.27 0.80
N ARG A 264 1.06 0.08 -0.07
CA ARG A 264 -0.12 0.82 0.35
C ARG A 264 -1.40 0.37 -0.35
N PRO A 265 -2.56 0.83 0.12
CA PRO A 265 -3.81 0.43 -0.52
C PRO A 265 -3.83 0.83 -1.99
N LEU A 266 -4.34 -0.05 -2.85
CA LEU A 266 -4.41 0.23 -4.28
C LEU A 266 -5.57 1.17 -4.64
N ARG A 267 -5.28 2.10 -5.54
CA ARG A 267 -6.27 3.07 -6.02
C ARG A 267 -7.59 2.36 -6.36
N ASN A 268 -8.72 2.87 -5.83
CA ASN A 268 -10.03 2.26 -6.09
C ASN A 268 -11.05 3.28 -6.62
N GLN A 269 -10.56 4.46 -7.01
CA GLN A 269 -11.40 5.51 -7.58
C GLN A 269 -10.69 5.92 -8.88
N PRO A 270 -11.47 6.32 -9.90
CA PRO A 270 -10.83 6.72 -11.16
C PRO A 270 -9.87 7.88 -10.92
N TYR A 271 -8.85 7.99 -11.76
CA TYR A 271 -7.89 9.08 -11.62
C TYR A 271 -8.46 10.32 -12.29
N LEU A 272 -8.21 11.50 -11.70
CA LEU A 272 -8.70 12.74 -12.28
C LEU A 272 -7.55 13.63 -12.76
N PHE A 273 -6.51 13.74 -11.94
CA PHE A 273 -5.36 14.58 -12.26
C PHE A 273 -4.02 13.89 -12.07
N LYS A 274 -3.00 14.34 -12.79
CA LYS A 274 -1.67 13.76 -12.70
C LYS A 274 -0.99 14.02 -11.37
N THR A 275 -1.06 15.28 -10.92
CA THR A 275 -0.38 15.70 -9.70
C THR A 275 -1.02 15.47 -8.32
N ASN A 276 -2.15 14.79 -8.24
CA ASN A 276 -2.75 14.56 -6.92
C ASN A 276 -3.73 13.40 -6.91
N PRO A 277 -4.17 12.96 -5.71
CA PRO A 277 -5.11 11.85 -5.60
C PRO A 277 -6.60 12.21 -5.57
N ASN A 278 -6.95 13.42 -5.99
CA ASN A 278 -8.36 13.86 -6.00
C ASN A 278 -9.27 12.83 -6.67
N TYR A 279 -10.47 12.67 -6.14
CA TYR A 279 -11.47 11.74 -6.67
C TYR A 279 -12.82 12.44 -6.85
N LYS A 280 -13.68 11.88 -7.70
CA LYS A 280 -15.00 12.43 -7.98
C LYS A 280 -15.94 12.21 -6.78
N GLY A 281 -16.05 13.22 -5.93
CA GLY A 281 -16.89 13.14 -4.73
C GLY A 281 -18.35 12.71 -4.83
N ASN A 282 -19.04 13.05 -5.90
CA ASN A 282 -20.44 12.69 -6.05
C ASN A 282 -20.63 11.25 -6.52
N ASP A 283 -19.55 10.64 -6.98
CA ASP A 283 -19.62 9.28 -7.49
C ASP A 283 -18.48 8.40 -6.90
N ILE A 284 -18.61 8.11 -5.61
CA ILE A 284 -17.62 7.29 -4.91
C ILE A 284 -17.90 5.79 -5.15
N LYS A 285 -17.12 5.18 -6.04
CA LYS A 285 -17.29 3.76 -6.36
C LYS A 285 -16.96 2.85 -5.18
N CYS A 286 -17.69 1.76 -5.04
CA CYS A 286 -17.44 0.79 -3.97
C CYS A 286 -16.38 -0.17 -4.49
N THR A 287 -15.41 -0.53 -3.67
CA THR A 287 -14.33 -1.42 -4.10
C THR A 287 -14.84 -2.74 -4.68
N SER A 288 -15.95 -3.23 -4.16
CA SER A 288 -16.53 -4.49 -4.66
C SER A 288 -17.95 -4.32 -5.22
N THR A 289 -18.34 -5.20 -6.14
CA THR A 289 -19.68 -5.13 -6.72
C THR A 289 -20.68 -5.50 -5.62
N SER A 290 -21.96 -5.24 -5.86
CA SER A 290 -22.99 -5.52 -4.85
C SER A 290 -23.98 -6.61 -5.21
N ARG A 291 -24.79 -6.99 -4.21
CA ARG A 291 -25.82 -8.00 -4.37
C ARG A 291 -27.01 -7.59 -3.50
N ASP A 292 -28.09 -8.36 -3.57
CA ASP A 292 -29.30 -8.02 -2.81
C ASP A 292 -29.23 -8.33 -1.33
N LYS A 293 -29.12 -9.61 -1.00
CA LYS A 293 -29.06 -10.01 0.40
C LYS A 293 -27.67 -10.56 0.72
N ILE A 294 -27.33 -10.61 1.99
CA ILE A 294 -26.03 -11.10 2.45
C ILE A 294 -26.06 -12.63 2.56
N THR A 295 -27.24 -13.21 2.39
CA THR A 295 -27.42 -14.66 2.50
C THR A 295 -27.64 -15.38 1.19
N THR A 296 -27.50 -14.66 0.08
CA THR A 296 -27.67 -15.28 -1.23
C THR A 296 -26.61 -14.80 -2.21
N LEU A 297 -26.17 -15.71 -3.06
CA LEU A 297 -25.17 -15.39 -4.06
C LEU A 297 -25.83 -14.66 -5.22
N SER B 10 0.73 -11.11 31.05
CA SER B 10 2.12 -11.20 30.51
C SER B 10 2.16 -10.77 29.05
N ASP B 11 1.06 -10.21 28.58
CA ASP B 11 0.96 -9.75 27.19
C ASP B 11 -0.16 -8.71 27.11
N ARG B 12 -0.98 -8.70 28.17
CA ARG B 12 -2.12 -7.80 28.27
C ARG B 12 -1.73 -6.62 29.16
N VAL B 13 -0.75 -6.83 30.03
CA VAL B 13 -0.28 -5.78 30.93
C VAL B 13 1.05 -5.23 30.36
N ALA B 14 1.29 -3.92 30.49
CA ALA B 14 2.51 -3.33 29.95
C ALA B 14 2.89 -1.97 30.52
N GLN B 15 4.19 -1.65 30.49
CA GLN B 15 4.67 -0.36 30.97
C GLN B 15 5.66 0.27 29.99
N LEU B 16 5.44 1.52 29.64
CA LEU B 16 6.32 2.22 28.71
C LEU B 16 6.90 3.41 29.45
N THR B 17 8.20 3.34 29.76
CA THR B 17 8.87 4.41 30.46
C THR B 17 9.95 5.03 29.58
N ILE B 18 9.84 6.33 29.33
CA ILE B 18 10.84 7.01 28.53
C ILE B 18 10.87 8.47 28.96
N GLY B 19 12.07 8.97 29.25
CA GLY B 19 12.21 10.34 29.71
C GLY B 19 11.67 10.41 31.13
N ASN B 20 10.93 11.45 31.46
CA ASN B 20 10.38 11.56 32.81
C ASN B 20 8.90 11.13 32.81
N SER B 21 8.52 10.33 31.82
CA SER B 21 7.14 9.88 31.70
C SER B 21 6.98 8.36 31.64
N THR B 22 5.88 7.88 32.22
CA THR B 22 5.58 6.44 32.23
C THR B 22 4.12 6.19 31.90
N ILE B 23 3.88 5.24 31.01
CA ILE B 23 2.52 4.88 30.63
C ILE B 23 2.26 3.46 31.10
N THR B 24 1.07 3.21 31.63
CA THR B 24 0.72 1.87 32.07
C THR B 24 -0.57 1.46 31.38
N THR B 25 -0.81 0.16 31.32
CA THR B 25 -2.02 -0.39 30.74
C THR B 25 -2.16 -1.81 31.24
N GLN B 26 -3.38 -2.17 31.62
CA GLN B 26 -3.67 -3.49 32.12
C GLN B 26 -4.46 -4.31 31.12
N GLU B 27 -4.71 -3.74 29.93
CA GLU B 27 -5.45 -4.44 28.88
C GLU B 27 -4.93 -4.06 27.50
N ALA B 28 -3.74 -4.55 27.19
CA ALA B 28 -3.07 -4.31 25.93
C ALA B 28 -3.22 -5.54 25.05
N ALA B 29 -2.75 -5.44 23.83
CA ALA B 29 -2.81 -6.54 22.88
C ALA B 29 -1.46 -6.54 22.17
N ASN B 30 -0.39 -6.62 22.95
CA ASN B 30 0.95 -6.64 22.41
C ASN B 30 1.32 -5.26 21.87
N ILE B 31 2.50 -5.15 21.28
CA ILE B 31 3.00 -3.91 20.71
C ILE B 31 3.50 -4.18 19.29
N VAL B 32 3.30 -3.22 18.40
CA VAL B 32 3.75 -3.40 17.02
C VAL B 32 4.96 -2.55 16.69
N ILE B 33 5.97 -3.18 16.09
CA ILE B 33 7.19 -2.50 15.67
C ILE B 33 7.04 -2.38 14.15
N ALA B 34 6.63 -1.21 13.68
CA ALA B 34 6.41 -0.98 12.26
C ALA B 34 7.51 -1.55 11.35
N TYR B 35 7.12 -2.40 10.42
CA TYR B 35 8.05 -3.01 9.47
C TYR B 35 9.23 -3.72 10.15
N GLY B 36 9.02 -4.13 11.40
CA GLY B 36 10.04 -4.85 12.14
C GLY B 36 11.34 -4.11 12.41
N GLU B 37 11.30 -2.79 12.47
CA GLU B 37 12.51 -2.02 12.72
C GLU B 37 12.39 -1.02 13.86
N TRP B 38 13.42 -0.97 14.70
CA TRP B 38 13.44 -0.03 15.80
C TRP B 38 14.05 1.29 15.35
N PRO B 39 13.62 2.38 15.96
CA PRO B 39 14.15 3.70 15.60
C PRO B 39 15.65 3.70 15.91
N GLU B 40 16.42 4.50 15.17
CA GLU B 40 17.85 4.58 15.41
C GLU B 40 18.39 5.88 14.86
N TYR B 41 19.44 6.43 15.49
CA TYR B 41 20.04 7.67 15.00
C TYR B 41 20.64 7.38 13.62
N CYS B 42 20.78 8.42 12.81
CA CYS B 42 21.33 8.24 11.47
C CYS B 42 22.82 7.92 11.46
N PRO B 43 23.20 6.78 10.87
CA PRO B 43 24.60 6.34 10.78
C PRO B 43 25.41 7.20 9.82
N ASP B 44 26.74 7.18 9.94
CA ASP B 44 27.62 7.99 9.09
C ASP B 44 27.61 7.63 7.60
N THR B 45 27.18 6.42 7.26
CA THR B 45 27.15 6.01 5.85
C THR B 45 25.98 6.61 5.10
N ASP B 46 24.86 6.82 5.79
CA ASP B 46 23.68 7.39 5.15
C ASP B 46 23.61 8.90 5.23
N ALA B 47 24.20 9.46 6.28
CA ALA B 47 24.18 10.90 6.49
C ALA B 47 24.83 11.66 5.35
N THR B 48 24.40 12.89 5.15
CA THR B 48 24.99 13.72 4.11
C THR B 48 25.39 15.09 4.67
N ALA B 49 24.55 15.66 5.55
CA ALA B 49 24.85 16.96 6.14
C ALA B 49 26.07 16.81 7.07
N VAL B 50 27.03 17.73 6.94
CA VAL B 50 28.27 17.65 7.71
C VAL B 50 28.35 18.20 9.14
N ASP B 51 27.42 19.06 9.54
CA ASP B 51 27.49 19.60 10.90
C ASP B 51 27.14 18.56 11.97
N LYS B 52 27.74 18.69 13.15
CA LYS B 52 27.45 17.76 14.24
C LYS B 52 26.01 17.97 14.68
N PRO B 53 25.22 16.90 14.70
CA PRO B 53 23.83 17.03 15.11
C PRO B 53 23.70 17.28 16.62
N THR B 54 22.52 17.68 17.05
CA THR B 54 22.25 17.86 18.46
C THR B 54 21.25 16.76 18.80
N ARG B 55 21.49 16.02 19.88
CA ARG B 55 20.59 14.95 20.26
C ARG B 55 20.21 15.17 21.71
N PRO B 56 19.22 16.07 21.95
CA PRO B 56 18.68 16.50 23.24
C PRO B 56 18.35 15.36 24.20
N ASP B 57 18.08 14.18 23.65
CA ASP B 57 17.78 13.03 24.49
C ASP B 57 16.49 13.21 25.35
N VAL B 58 16.56 12.99 26.66
CA VAL B 58 15.37 13.08 27.53
C VAL B 58 14.43 14.30 27.47
N SER B 59 14.91 15.45 27.02
CA SER B 59 14.02 16.61 26.96
C SER B 59 13.04 16.52 25.80
N VAL B 60 13.38 15.74 24.77
CA VAL B 60 12.50 15.59 23.60
C VAL B 60 12.00 14.17 23.38
N ASN B 61 12.72 13.17 23.89
CA ASN B 61 12.26 11.79 23.72
C ASN B 61 11.54 11.43 25.00
N ARG B 62 10.27 11.82 25.09
CA ARG B 62 9.42 11.59 26.25
C ARG B 62 7.99 11.59 25.72
N PHE B 63 7.05 11.18 26.55
CA PHE B 63 5.66 11.13 26.11
C PHE B 63 4.93 12.47 26.21
N PHE B 64 4.22 12.81 25.13
CA PHE B 64 3.44 14.04 25.04
C PHE B 64 1.97 13.65 24.79
N THR B 65 1.06 14.19 25.59
CA THR B 65 -0.36 13.88 25.44
C THR B 65 -1.12 15.01 24.75
N LEU B 66 -1.62 14.74 23.55
CA LEU B 66 -2.37 15.71 22.76
C LEU B 66 -3.84 15.77 23.19
N ASP B 67 -4.61 16.68 22.62
CA ASP B 67 -6.02 16.79 22.99
C ASP B 67 -6.80 15.49 22.79
N THR B 68 -7.86 15.37 23.56
CA THR B 68 -8.71 14.20 23.52
C THR B 68 -9.89 14.40 22.60
N LYS B 69 -10.29 13.32 21.93
CA LYS B 69 -11.42 13.36 21.03
C LYS B 69 -12.57 12.56 21.67
N SER B 70 -13.80 12.84 21.26
CA SER B 70 -14.97 12.14 21.79
C SER B 70 -15.56 11.20 20.75
N TRP B 71 -15.58 9.91 21.08
CA TRP B 71 -16.11 8.89 20.18
C TRP B 71 -17.63 8.86 20.28
N ALA B 72 -18.30 9.23 19.19
CA ALA B 72 -19.77 9.22 19.14
C ALA B 72 -20.25 8.08 18.23
N LYS B 73 -21.53 7.73 18.34
CA LYS B 73 -22.07 6.64 17.52
C LYS B 73 -22.02 6.93 16.03
N ASP B 74 -21.71 8.15 15.66
CA ASP B 74 -21.64 8.48 14.23
C ASP B 74 -20.35 9.16 13.79
N SER B 75 -19.29 8.98 14.57
CA SER B 75 -17.99 9.56 14.26
C SER B 75 -17.43 8.93 13.00
N LYS B 76 -16.76 9.72 12.18
CA LYS B 76 -16.19 9.24 10.93
C LYS B 76 -14.78 8.72 11.14
N GLY B 77 -14.02 9.42 11.97
CA GLY B 77 -12.64 9.04 12.25
C GLY B 77 -11.76 10.28 12.23
N TRP B 78 -10.54 10.15 12.75
CA TRP B 78 -9.63 11.28 12.83
C TRP B 78 -8.25 10.91 12.31
N TYR B 79 -7.42 11.92 12.06
CA TYR B 79 -6.05 11.69 11.64
C TYR B 79 -5.15 12.84 12.11
N TRP B 80 -3.88 12.51 12.32
CA TRP B 80 -2.87 13.48 12.77
C TRP B 80 -1.66 13.27 11.87
N LYS B 81 -0.78 14.26 11.78
CA LYS B 81 0.40 14.12 10.93
C LYS B 81 1.67 14.34 11.76
N PHE B 82 2.70 13.55 11.45
CA PHE B 82 3.97 13.64 12.18
C PHE B 82 5.05 14.19 11.27
N PRO B 83 5.93 15.05 11.82
CA PRO B 83 5.98 15.54 13.20
C PRO B 83 5.12 16.79 13.47
N ASP B 84 4.29 17.17 12.51
CA ASP B 84 3.43 18.35 12.65
C ASP B 84 2.79 18.50 14.04
N VAL B 85 2.17 17.43 14.54
CA VAL B 85 1.50 17.46 15.86
C VAL B 85 2.34 18.04 17.01
N LEU B 86 3.65 17.87 16.93
CA LEU B 86 4.50 18.37 18.01
C LEU B 86 5.39 19.55 17.68
N THR B 87 5.31 20.07 16.47
CA THR B 87 6.16 21.18 16.09
C THR B 87 6.04 22.41 16.98
N GLU B 88 5.01 22.45 17.83
CA GLU B 88 4.86 23.61 18.71
C GLU B 88 4.68 23.26 20.18
N VAL B 89 5.19 22.09 20.56
CA VAL B 89 5.07 21.62 21.93
C VAL B 89 6.40 21.26 22.60
N GLY B 90 6.54 21.70 23.85
CA GLY B 90 7.75 21.42 24.62
C GLY B 90 9.07 21.76 23.95
N VAL B 91 10.14 21.15 24.46
CA VAL B 91 11.47 21.38 23.91
C VAL B 91 11.62 20.72 22.54
N PHE B 92 10.75 19.78 22.21
CA PHE B 92 10.84 19.16 20.89
C PHE B 92 10.49 20.22 19.85
N GLY B 93 9.35 20.88 20.04
CA GLY B 93 8.91 21.91 19.12
C GLY B 93 9.99 22.96 18.91
N GLN B 94 10.59 23.42 20.00
CA GLN B 94 11.62 24.43 19.93
C GLN B 94 12.81 23.98 19.04
N ASN B 95 13.24 22.73 19.20
CA ASN B 95 14.35 22.23 18.39
C ASN B 95 13.91 22.13 16.92
N ALA B 96 12.66 21.77 16.70
CA ALA B 96 12.13 21.65 15.35
C ALA B 96 12.08 23.01 14.65
N GLN B 97 11.85 24.06 15.42
CA GLN B 97 11.76 25.41 14.87
C GLN B 97 13.12 26.06 14.65
N PHE B 98 14.07 25.80 15.54
CA PHE B 98 15.41 26.38 15.45
C PHE B 98 16.32 25.67 14.44
N HIS B 99 15.99 24.43 14.09
CA HIS B 99 16.82 23.67 13.16
C HIS B 99 16.12 23.44 11.82
N TYR B 100 16.92 23.44 10.76
CA TYR B 100 16.41 23.19 9.42
C TYR B 100 16.11 21.71 9.27
N LEU B 101 17.09 20.88 9.68
CA LEU B 101 16.97 19.44 9.57
C LEU B 101 16.51 18.74 10.84
N TYR B 102 15.76 17.66 10.64
CA TYR B 102 15.22 16.86 11.73
C TYR B 102 14.92 15.43 11.29
N ARG B 103 15.00 14.51 12.24
CA ARG B 103 14.66 13.12 12.01
C ARG B 103 14.40 12.47 13.37
N SER B 104 13.55 11.45 13.40
CA SER B 104 13.25 10.72 14.62
C SER B 104 12.24 9.63 14.33
N GLY B 105 12.05 8.77 15.32
CA GLY B 105 11.05 7.72 15.24
C GLY B 105 9.98 8.15 16.21
N PHE B 106 9.00 7.29 16.48
CA PHE B 106 7.91 7.65 17.40
C PHE B 106 7.27 6.44 18.05
N CYS B 107 6.80 6.63 19.28
CA CYS B 107 6.07 5.59 19.96
C CYS B 107 4.67 6.19 20.10
N VAL B 108 3.72 5.59 19.40
CA VAL B 108 2.34 6.07 19.42
C VAL B 108 1.47 5.20 20.33
N HIS B 109 0.83 5.83 21.31
CA HIS B 109 -0.03 5.11 22.23
C HIS B 109 -1.44 5.74 22.25
N VAL B 110 -2.39 5.11 21.55
CA VAL B 110 -3.77 5.59 21.49
C VAL B 110 -4.54 4.90 22.61
N GLN B 111 -5.22 5.70 23.43
CA GLN B 111 -5.98 5.18 24.57
C GLN B 111 -7.49 5.33 24.44
N CYS B 112 -8.22 4.30 24.89
CA CYS B 112 -9.67 4.32 24.84
C CYS B 112 -10.26 3.17 25.64
N ASN B 113 -10.91 3.49 26.74
CA ASN B 113 -11.51 2.47 27.57
C ASN B 113 -13.01 2.70 27.71
N ALA B 114 -13.75 1.61 27.87
CA ALA B 114 -15.21 1.68 28.01
C ALA B 114 -15.57 0.73 29.14
N SER B 115 -16.62 -0.07 28.96
CA SER B 115 -17.01 -1.01 30.01
C SER B 115 -17.31 -2.32 29.32
N LYS B 116 -17.47 -3.38 30.12
CA LYS B 116 -17.74 -4.69 29.55
C LYS B 116 -19.11 -4.76 28.89
N PHE B 117 -19.82 -3.64 28.85
CA PHE B 117 -21.14 -3.62 28.22
C PHE B 117 -21.16 -2.75 26.96
N HIS B 118 -20.08 -2.02 26.71
CA HIS B 118 -19.97 -1.21 25.49
C HIS B 118 -19.38 -2.11 24.39
N GLN B 119 -19.44 -1.65 23.14
CA GLN B 119 -18.90 -2.42 22.03
C GLN B 119 -18.49 -1.45 20.94
N GLY B 120 -17.52 -1.87 20.13
CA GLY B 120 -17.04 -1.04 19.04
C GLY B 120 -15.58 -1.36 18.79
N ALA B 121 -15.12 -1.12 17.56
CA ALA B 121 -13.74 -1.39 17.21
C ALA B 121 -13.10 -0.25 16.44
N LEU B 122 -11.96 0.23 16.94
CA LEU B 122 -11.21 1.30 16.30
C LEU B 122 -10.00 0.71 15.59
N LEU B 123 -9.77 1.10 14.35
CA LEU B 123 -8.59 0.65 13.61
C LEU B 123 -7.57 1.78 13.78
N VAL B 124 -6.42 1.49 14.38
CA VAL B 124 -5.37 2.49 14.56
C VAL B 124 -4.23 2.12 13.63
N ALA B 125 -3.98 2.97 12.64
CA ALA B 125 -2.92 2.69 11.66
C ALA B 125 -1.99 3.86 11.40
N VAL B 126 -0.82 3.53 10.88
CA VAL B 126 0.19 4.50 10.55
C VAL B 126 0.40 4.41 9.02
N LEU B 127 0.08 5.48 8.31
CA LEU B 127 0.24 5.51 6.85
C LEU B 127 1.32 6.51 6.48
N PRO B 128 2.50 6.02 6.07
CA PRO B 128 3.55 6.97 5.70
C PRO B 128 3.20 7.73 4.43
N GLU B 129 3.69 8.97 4.33
CA GLU B 129 3.43 9.85 3.19
C GLU B 129 1.92 9.86 2.91
N TYR B 130 1.17 10.33 3.89
CA TYR B 130 -0.29 10.39 3.80
C TYR B 130 -0.73 11.68 3.11
N VAL B 131 -0.77 11.62 1.77
CA VAL B 131 -1.19 12.74 0.95
C VAL B 131 -2.71 12.72 0.79
N LEU B 132 -3.34 13.83 1.17
CA LEU B 132 -4.79 13.97 1.08
C LEU B 132 -5.26 14.49 -0.27
N GLY B 133 -6.51 14.19 -0.59
CA GLY B 133 -7.09 14.67 -1.84
C GLY B 133 -8.43 15.34 -1.53
N THR B 134 -8.96 16.06 -2.51
CA THR B 134 -10.26 16.71 -2.34
C THR B 134 -11.31 15.95 -3.16
N ILE B 135 -12.57 16.33 -3.00
CA ILE B 135 -13.65 15.69 -3.74
C ILE B 135 -13.78 16.31 -5.14
N ALA B 136 -12.83 17.18 -5.48
CA ALA B 136 -12.79 17.83 -6.80
C ALA B 136 -14.09 18.57 -7.16
N GLY B 137 -14.65 19.30 -6.20
CA GLY B 137 -15.87 20.02 -6.43
C GLY B 137 -17.11 19.15 -6.62
N GLY B 138 -17.01 17.87 -6.23
CA GLY B 138 -18.12 16.95 -6.36
C GLY B 138 -18.26 16.32 -7.74
N THR B 139 -18.32 17.16 -8.77
CA THR B 139 -18.47 16.69 -10.15
C THR B 139 -17.17 16.09 -10.69
N GLY B 140 -16.05 16.61 -10.21
CA GLY B 140 -14.75 16.13 -10.65
C GLY B 140 -14.10 17.03 -11.69
N ASN B 141 -14.71 18.19 -11.93
CA ASN B 141 -14.19 19.13 -12.93
C ASN B 141 -13.37 20.25 -12.32
N GLU B 142 -13.34 20.29 -11.00
CA GLU B 142 -12.61 21.33 -10.30
C GLU B 142 -11.35 20.73 -9.66
N ASN B 143 -10.19 21.23 -10.08
CA ASN B 143 -8.92 20.74 -9.56
C ASN B 143 -8.56 21.52 -8.28
N SER B 144 -9.38 21.34 -7.24
CA SER B 144 -9.17 22.00 -5.96
C SER B 144 -8.13 21.25 -5.11
N HIS B 145 -7.59 21.91 -4.10
CA HIS B 145 -6.57 21.30 -3.24
C HIS B 145 -6.85 21.53 -1.76
N PRO B 146 -6.41 20.60 -0.91
CA PRO B 146 -6.62 20.73 0.55
C PRO B 146 -5.93 21.97 1.11
N PRO B 147 -6.59 22.67 2.04
CA PRO B 147 -6.04 23.87 2.67
C PRO B 147 -4.92 23.48 3.65
N TYR B 148 -4.02 24.40 3.94
CA TYR B 148 -2.94 24.12 4.88
C TYR B 148 -3.51 23.55 6.18
N ALA B 149 -4.66 24.06 6.62
CA ALA B 149 -5.27 23.57 7.86
C ALA B 149 -5.68 22.09 7.82
N THR B 150 -5.85 21.55 6.61
CA THR B 150 -6.24 20.16 6.48
C THR B 150 -5.03 19.22 6.32
N THR B 151 -4.02 19.65 5.56
CA THR B 151 -2.83 18.83 5.35
C THR B 151 -1.98 18.75 6.61
N GLN B 152 -1.93 19.84 7.37
CA GLN B 152 -1.16 19.89 8.62
C GLN B 152 -2.04 20.50 9.71
N PRO B 153 -3.02 19.72 10.22
CA PRO B 153 -3.98 20.10 11.25
C PRO B 153 -3.38 20.40 12.62
N GLY B 154 -2.08 20.21 12.77
CA GLY B 154 -1.46 20.46 14.04
C GLY B 154 -1.85 19.47 15.13
N GLN B 155 -1.66 19.88 16.37
CA GLN B 155 -1.95 19.06 17.53
C GLN B 155 -3.42 18.63 17.70
N VAL B 156 -4.35 19.43 17.21
CA VAL B 156 -5.78 19.13 17.34
C VAL B 156 -6.25 17.97 16.46
N GLY B 157 -5.54 17.74 15.36
CA GLY B 157 -5.94 16.67 14.46
C GLY B 157 -7.15 17.08 13.67
N ALA B 158 -7.49 16.32 12.64
CA ALA B 158 -8.63 16.64 11.78
C ALA B 158 -9.59 15.46 11.67
N VAL B 159 -10.76 15.72 11.11
CA VAL B 159 -11.79 14.70 10.94
C VAL B 159 -11.86 14.24 9.48
N LEU B 160 -12.08 12.95 9.27
CA LEU B 160 -12.20 12.44 7.91
C LEU B 160 -13.60 12.68 7.40
N THR B 161 -13.73 13.11 6.15
CA THR B 161 -15.07 13.34 5.60
C THR B 161 -15.57 12.10 4.84
N HIS B 162 -14.65 11.31 4.31
CA HIS B 162 -15.01 10.08 3.60
C HIS B 162 -14.06 8.96 4.03
N PRO B 163 -14.19 8.50 5.29
CA PRO B 163 -13.31 7.44 5.78
C PRO B 163 -13.14 6.23 4.84
N TYR B 164 -14.21 5.85 4.15
CA TYR B 164 -14.15 4.70 3.24
C TYR B 164 -13.01 4.77 2.23
N VAL B 165 -12.67 5.98 1.78
CA VAL B 165 -11.59 6.17 0.81
C VAL B 165 -10.43 6.99 1.41
N LEU B 166 -10.41 7.06 2.73
CA LEU B 166 -9.38 7.79 3.49
C LEU B 166 -9.13 9.19 2.97
N ASP B 167 -10.16 9.81 2.37
CA ASP B 167 -10.03 11.17 1.83
C ASP B 167 -8.87 11.23 0.85
N ALA B 168 -8.58 10.12 0.19
CA ALA B 168 -7.48 10.09 -0.76
C ALA B 168 -7.64 9.09 -1.89
N GLY B 169 -8.88 8.66 -2.13
CA GLY B 169 -9.13 7.72 -3.21
C GLY B 169 -8.55 6.33 -3.05
N ILE B 170 -8.29 5.91 -1.81
CA ILE B 170 -7.74 4.59 -1.53
C ILE B 170 -8.61 3.88 -0.48
N PRO B 171 -8.90 2.59 -0.70
CA PRO B 171 -9.74 1.79 0.21
C PRO B 171 -9.28 1.58 1.64
N LEU B 172 -10.13 1.97 2.59
CA LEU B 172 -9.84 1.79 4.01
C LEU B 172 -9.73 0.29 4.29
N SER B 173 -10.42 -0.53 3.50
CA SER B 173 -10.39 -1.97 3.70
C SER B 173 -8.98 -2.57 3.57
N GLN B 174 -8.07 -1.81 2.95
CA GLN B 174 -6.70 -2.28 2.75
C GLN B 174 -5.68 -1.58 3.65
N LEU B 175 -6.16 -0.73 4.54
CA LEU B 175 -5.26 0.00 5.43
C LEU B 175 -4.46 -0.92 6.35
N THR B 176 -4.97 -2.13 6.60
CA THR B 176 -4.26 -3.08 7.45
C THR B 176 -2.93 -3.55 6.86
N VAL B 177 -2.66 -3.15 5.62
CA VAL B 177 -1.40 -3.51 4.98
C VAL B 177 -0.31 -2.61 5.59
N CYS B 178 -0.75 -1.67 6.43
CA CYS B 178 0.17 -0.77 7.11
C CYS B 178 0.25 -1.14 8.58
N PRO B 179 1.35 -0.76 9.26
CA PRO B 179 1.53 -1.05 10.69
C PRO B 179 0.25 -0.63 11.38
N HIS B 180 -0.36 -1.51 12.17
CA HIS B 180 -1.62 -1.14 12.80
C HIS B 180 -1.99 -2.06 13.95
N GLN B 181 -3.00 -1.62 14.70
CA GLN B 181 -3.57 -2.40 15.79
C GLN B 181 -5.05 -2.03 15.81
N TRP B 182 -5.85 -2.89 16.45
CA TRP B 182 -7.27 -2.61 16.58
C TRP B 182 -7.53 -2.37 18.07
N ILE B 183 -8.45 -1.46 18.38
CA ILE B 183 -8.81 -1.28 19.77
C ILE B 183 -10.25 -1.75 19.75
N ASN B 184 -10.44 -3.02 20.10
CA ASN B 184 -11.76 -3.65 20.15
C ASN B 184 -12.13 -3.62 21.62
N LEU B 185 -13.11 -2.80 21.97
CA LEU B 185 -13.52 -2.63 23.36
C LEU B 185 -13.67 -3.87 24.24
N ARG B 186 -14.08 -5.01 23.70
CA ARG B 186 -14.23 -6.20 24.55
C ARG B 186 -12.89 -6.86 24.85
N THR B 187 -11.86 -6.46 24.09
CA THR B 187 -10.54 -7.05 24.23
C THR B 187 -9.47 -6.18 24.87
N ASN B 188 -9.20 -5.02 24.29
CA ASN B 188 -8.15 -4.14 24.80
C ASN B 188 -8.61 -2.69 24.90
N ASN B 189 -7.82 -1.87 25.60
CA ASN B 189 -8.17 -0.46 25.77
C ASN B 189 -7.11 0.49 25.23
N CYS B 190 -6.23 -0.02 24.38
CA CYS B 190 -5.18 0.83 23.82
C CYS B 190 -4.51 0.16 22.64
N ALA B 191 -3.68 0.92 21.94
CA ALA B 191 -2.93 0.43 20.79
C ALA B 191 -1.55 1.08 20.90
N THR B 192 -0.51 0.32 20.57
CA THR B 192 0.84 0.87 20.65
C THR B 192 1.61 0.48 19.40
N ILE B 193 2.16 1.49 18.73
CA ILE B 193 2.92 1.26 17.52
C ILE B 193 4.22 2.05 17.58
N ILE B 194 5.33 1.37 17.37
CA ILE B 194 6.64 2.02 17.39
C ILE B 194 7.01 2.18 15.93
N VAL B 195 7.25 3.43 15.55
CA VAL B 195 7.55 3.76 14.17
C VAL B 195 8.95 4.29 13.94
N PRO B 196 9.68 3.69 13.00
CA PRO B 196 11.04 4.15 12.71
C PRO B 196 10.96 5.29 11.69
N TYR B 197 12.06 6.00 11.50
CA TYR B 197 12.08 7.10 10.54
C TYR B 197 11.99 6.51 9.13
N MET B 198 11.13 7.08 8.28
CA MET B 198 10.97 6.61 6.91
C MET B 198 10.96 7.80 5.96
N ASN B 199 11.92 7.82 5.03
CA ASN B 199 12.00 8.93 4.08
C ASN B 199 13.01 8.56 3.01
N THR B 200 13.08 9.35 1.95
CA THR B 200 14.03 9.10 0.87
C THR B 200 15.31 9.89 1.14
N VAL B 201 15.32 10.58 2.27
CA VAL B 201 16.47 11.37 2.66
C VAL B 201 16.76 11.12 4.14
N PRO B 202 18.04 11.16 4.55
CA PRO B 202 18.44 10.91 5.94
C PRO B 202 17.90 11.90 6.98
N PHE B 203 17.66 13.15 6.58
CA PHE B 203 17.10 14.17 7.48
C PHE B 203 16.15 15.00 6.62
N ASP B 204 15.25 15.73 7.26
CA ASP B 204 14.31 16.55 6.51
C ASP B 204 13.71 17.64 7.38
N SER B 205 13.01 18.58 6.74
CA SER B 205 12.37 19.67 7.46
C SER B 205 11.14 19.19 8.23
N ALA B 206 11.12 19.47 9.54
CA ALA B 206 10.00 19.06 10.37
C ALA B 206 8.78 19.91 10.04
N LEU B 207 9.02 21.04 9.37
CA LEU B 207 7.93 21.94 9.02
C LEU B 207 7.30 21.67 7.64
N ASN B 208 8.12 21.50 6.61
CA ASN B 208 7.59 21.28 5.27
C ASN B 208 7.21 19.86 4.88
N HIS B 209 7.52 18.87 5.71
CA HIS B 209 7.22 17.49 5.32
C HIS B 209 6.77 16.60 6.47
N CYS B 210 5.61 15.98 6.30
CA CYS B 210 5.09 15.05 7.32
C CYS B 210 5.42 13.64 6.83
N ASN B 211 6.23 12.94 7.61
CA ASN B 211 6.66 11.59 7.24
C ASN B 211 5.55 10.56 7.21
N PHE B 212 4.58 10.71 8.10
CA PHE B 212 3.46 9.78 8.10
C PHE B 212 2.29 10.37 8.86
N GLY B 213 1.12 9.76 8.66
CA GLY B 213 -0.07 10.21 9.35
C GLY B 213 -0.60 9.07 10.21
N LEU B 214 -1.24 9.41 11.32
CA LEU B 214 -1.83 8.42 12.22
C LEU B 214 -3.33 8.46 11.97
N LEU B 215 -3.93 7.31 11.73
CA LEU B 215 -5.38 7.27 11.52
C LEU B 215 -6.08 6.43 12.57
N VAL B 216 -7.12 7.00 13.18
CA VAL B 216 -7.94 6.29 14.17
C VAL B 216 -9.34 6.30 13.55
N ILE B 217 -9.82 5.14 13.10
CA ILE B 217 -11.11 5.06 12.45
C ILE B 217 -12.03 3.99 13.02
N PRO B 218 -13.25 4.39 13.43
CA PRO B 218 -14.17 3.40 13.98
C PRO B 218 -14.79 2.54 12.86
N VAL B 219 -14.21 1.37 12.61
CA VAL B 219 -14.71 0.47 11.57
C VAL B 219 -15.99 -0.19 12.06
N VAL B 220 -16.05 -0.46 13.36
CA VAL B 220 -17.24 -1.03 13.97
C VAL B 220 -17.72 0.07 14.91
N PRO B 221 -18.86 0.69 14.59
CA PRO B 221 -19.43 1.78 15.38
C PRO B 221 -19.61 1.49 16.87
N LEU B 222 -19.47 2.55 17.66
CA LEU B 222 -19.61 2.46 19.10
C LEU B 222 -21.09 2.20 19.39
N ASP B 223 -21.37 1.43 20.42
CA ASP B 223 -22.75 1.16 20.75
C ASP B 223 -22.85 0.76 22.21
N PHE B 224 -23.97 1.13 22.83
CA PHE B 224 -24.23 0.84 24.24
C PHE B 224 -25.69 1.16 24.53
N ASN B 225 -26.24 0.54 25.57
CA ASN B 225 -27.63 0.77 25.96
C ASN B 225 -27.76 2.10 26.68
N ALA B 226 -28.92 2.74 26.52
CA ALA B 226 -29.20 4.02 27.17
C ALA B 226 -29.06 3.83 28.68
N GLY B 227 -28.26 4.68 29.31
CA GLY B 227 -28.06 4.57 30.75
C GLY B 227 -26.60 4.33 31.07
N ALA B 228 -25.87 3.78 30.10
CA ALA B 228 -24.45 3.52 30.26
C ALA B 228 -23.72 4.81 29.92
N THR B 229 -22.55 5.02 30.49
CA THR B 229 -21.76 6.22 30.21
C THR B 229 -21.69 6.45 28.70
N SER B 230 -21.99 7.67 28.26
CA SER B 230 -21.97 7.97 26.83
C SER B 230 -20.74 8.75 26.34
N GLU B 231 -19.99 9.32 27.29
CA GLU B 231 -18.77 10.07 26.95
C GLU B 231 -17.59 9.08 26.89
N ILE B 232 -17.30 8.57 25.69
CA ILE B 232 -16.21 7.62 25.51
C ILE B 232 -15.05 8.31 24.77
N PRO B 233 -14.10 8.89 25.51
CA PRO B 233 -12.98 9.59 24.88
C PRO B 233 -11.85 8.71 24.32
N ILE B 234 -11.13 9.30 23.38
CA ILE B 234 -9.99 8.65 22.73
C ILE B 234 -8.83 9.64 22.89
N THR B 235 -7.78 9.22 23.59
CA THR B 235 -6.63 10.09 23.80
C THR B 235 -5.40 9.58 23.06
N VAL B 236 -4.61 10.51 22.55
CA VAL B 236 -3.40 10.16 21.83
C VAL B 236 -2.16 10.66 22.54
N THR B 237 -1.27 9.75 22.92
CA THR B 237 -0.03 10.12 23.59
C THR B 237 1.10 9.61 22.69
N ILE B 238 2.06 10.47 22.38
CA ILE B 238 3.17 10.09 21.52
C ILE B 238 4.52 10.48 22.08
N ALA B 239 5.55 9.74 21.68
CA ALA B 239 6.90 10.04 22.14
C ALA B 239 7.93 9.94 21.03
N PRO B 240 8.67 11.04 20.80
CA PRO B 240 9.69 10.98 19.75
C PRO B 240 10.74 10.00 20.26
N MET B 241 11.46 9.37 19.34
CA MET B 241 12.52 8.44 19.72
C MET B 241 13.73 8.74 18.86
N CYS B 242 14.89 8.84 19.49
CA CYS B 242 16.13 9.12 18.77
C CYS B 242 16.02 10.41 17.94
N ALA B 243 15.45 11.46 18.53
CA ALA B 243 15.32 12.72 17.82
C ALA B 243 16.69 13.39 17.63
N GLU B 244 16.99 13.75 16.38
CA GLU B 244 18.23 14.40 16.00
C GLU B 244 17.88 15.71 15.29
N PHE B 245 18.74 16.70 15.39
CA PHE B 245 18.50 17.99 14.73
C PHE B 245 19.83 18.55 14.22
N ALA B 246 19.78 19.24 13.08
CA ALA B 246 20.97 19.82 12.48
C ALA B 246 20.58 21.06 11.68
N GLY B 247 21.58 21.85 11.32
CA GLY B 247 21.32 23.07 10.56
C GLY B 247 20.69 24.11 11.46
N LEU B 248 21.38 24.45 12.54
CA LEU B 248 20.90 25.42 13.50
C LEU B 248 20.89 26.85 12.93
N ARG B 249 19.91 27.64 13.38
CA ARG B 249 19.75 29.03 12.95
C ARG B 249 18.66 29.64 13.84
N GLN B 250 18.00 30.69 13.37
CA GLN B 250 16.95 31.33 14.16
C GLN B 250 15.68 30.49 14.08
N ALA B 251 14.74 30.74 14.98
CA ALA B 251 13.49 29.98 15.00
C ALA B 251 12.61 30.36 13.82
N VAL B 252 11.95 29.36 13.25
CA VAL B 252 11.04 29.52 12.10
C VAL B 252 9.81 28.66 12.37
N LYS B 253 8.62 29.26 12.34
CA LYS B 253 7.41 28.49 12.61
C LYS B 253 6.84 27.77 11.40
N GLN B 254 7.16 28.25 10.19
CA GLN B 254 6.69 27.58 8.97
C GLN B 254 7.30 28.15 7.69
N GLY C 1 32.80 -7.78 -43.94
CA GLY C 1 32.09 -7.95 -42.63
C GLY C 1 31.68 -9.38 -42.35
N ILE C 2 31.35 -9.67 -41.09
CA ILE C 2 30.94 -11.01 -40.68
C ILE C 2 29.60 -11.41 -41.31
N PRO C 3 29.52 -12.61 -41.92
CA PRO C 3 28.25 -13.03 -42.53
C PRO C 3 27.10 -13.22 -41.54
N THR C 4 26.04 -12.45 -41.72
CA THR C 4 24.86 -12.57 -40.86
C THR C 4 23.59 -12.72 -41.71
N GLU C 5 22.50 -13.15 -41.09
CA GLU C 5 21.23 -13.36 -41.77
C GLU C 5 20.10 -12.93 -40.82
N LEU C 6 19.35 -11.89 -41.17
CA LEU C 6 18.27 -11.43 -40.31
C LEU C 6 17.10 -12.43 -40.28
N LYS C 7 16.66 -12.77 -39.08
CA LYS C 7 15.57 -13.73 -38.90
C LYS C 7 14.24 -13.07 -38.49
N PRO C 8 13.13 -13.82 -38.61
CA PRO C 8 11.83 -13.26 -38.24
C PRO C 8 11.94 -12.73 -36.80
N GLY C 9 11.35 -11.57 -36.54
CA GLY C 9 11.44 -10.98 -35.22
C GLY C 9 12.14 -9.64 -35.38
N THR C 10 13.02 -9.57 -36.39
CA THR C 10 13.77 -8.35 -36.68
C THR C 10 12.89 -7.09 -36.67
N ASN C 11 13.40 -6.04 -36.03
CA ASN C 11 12.74 -4.73 -35.91
C ASN C 11 11.54 -4.67 -34.99
N GLN C 12 10.96 -5.80 -34.60
CA GLN C 12 9.79 -5.78 -33.73
C GLN C 12 10.11 -5.23 -32.34
N PHE C 13 9.09 -4.75 -31.66
CA PHE C 13 9.26 -4.23 -30.30
C PHE C 13 8.32 -5.01 -29.38
N LEU C 14 8.88 -5.91 -28.58
CA LEU C 14 8.11 -6.72 -27.64
C LEU C 14 8.22 -6.01 -26.30
N THR C 15 7.08 -5.60 -25.74
CA THR C 15 7.10 -4.83 -24.49
C THR C 15 7.66 -5.57 -23.28
N THR C 16 7.75 -6.90 -23.36
CA THR C 16 8.29 -7.69 -22.25
C THR C 16 9.71 -8.21 -22.53
N ASP C 17 10.22 -7.89 -23.71
CA ASP C 17 11.57 -8.30 -24.10
C ASP C 17 12.55 -7.68 -23.10
N ASP C 18 13.48 -8.49 -22.59
CA ASP C 18 14.46 -8.00 -21.62
C ASP C 18 15.85 -7.89 -22.25
N GLY C 19 16.03 -6.88 -23.08
CA GLY C 19 17.32 -6.70 -23.74
C GLY C 19 18.17 -5.57 -23.18
N VAL C 20 19.16 -5.17 -23.97
CA VAL C 20 20.07 -4.10 -23.56
C VAL C 20 19.87 -2.89 -24.45
N SER C 21 19.96 -1.70 -23.87
CA SER C 21 19.78 -0.44 -24.59
C SER C 21 20.90 0.52 -24.24
N ALA C 22 21.31 1.33 -25.22
CA ALA C 22 22.39 2.30 -25.03
C ALA C 22 22.07 3.29 -23.91
N PRO C 23 23.04 3.55 -23.01
CA PRO C 23 22.87 4.49 -21.89
C PRO C 23 23.01 5.94 -22.36
N ILE C 24 22.14 6.82 -21.89
CA ILE C 24 22.19 8.22 -22.32
C ILE C 24 23.21 9.10 -21.60
N LEU C 25 23.57 8.72 -20.38
CA LEU C 25 24.52 9.51 -19.61
C LEU C 25 25.75 8.70 -19.20
N PRO C 26 26.78 8.68 -20.05
CA PRO C 26 28.00 7.92 -19.71
C PRO C 26 28.68 8.46 -18.46
N GLY C 27 29.10 7.56 -17.58
CA GLY C 27 29.79 7.96 -16.37
C GLY C 27 28.92 8.49 -15.27
N PHE C 28 27.61 8.54 -15.50
CA PHE C 28 26.69 9.04 -14.47
C PHE C 28 26.65 8.09 -13.28
N HIS C 29 26.55 8.65 -12.07
CA HIS C 29 26.47 7.84 -10.87
C HIS C 29 25.24 8.22 -10.06
N PRO C 30 24.33 7.25 -9.85
CA PRO C 30 23.10 7.52 -9.08
C PRO C 30 23.41 7.90 -7.64
N THR C 31 22.51 8.68 -7.05
CA THR C 31 22.64 9.06 -5.65
C THR C 31 22.73 7.75 -4.88
N PRO C 32 23.66 7.64 -3.92
CA PRO C 32 23.73 6.38 -3.17
C PRO C 32 22.44 6.04 -2.45
N PRO C 33 22.17 4.75 -2.26
CA PRO C 33 20.93 4.40 -1.55
C PRO C 33 21.15 4.55 -0.04
N ILE C 34 20.07 4.69 0.71
CA ILE C 34 20.17 4.79 2.17
C ILE C 34 19.15 3.79 2.71
N HIS C 35 19.31 3.38 3.95
CA HIS C 35 18.37 2.42 4.49
C HIS C 35 16.97 3.00 4.65
N ILE C 36 15.96 2.23 4.22
CA ILE C 36 14.57 2.63 4.33
C ILE C 36 13.77 1.41 4.77
N PRO C 37 13.02 1.52 5.86
CA PRO C 37 12.23 0.38 6.34
C PRO C 37 11.13 0.00 5.36
N GLY C 38 10.63 -1.22 5.48
CA GLY C 38 9.54 -1.67 4.62
C GLY C 38 9.82 -2.08 3.20
N GLU C 39 11.03 -2.53 2.89
CA GLU C 39 11.30 -2.96 1.52
C GLU C 39 10.54 -4.25 1.19
N VAL C 40 10.03 -4.37 -0.05
CA VAL C 40 9.36 -5.62 -0.42
C VAL C 40 10.08 -6.16 -1.65
N HIS C 41 10.07 -7.48 -1.77
CA HIS C 41 10.75 -8.15 -2.87
C HIS C 41 9.82 -8.97 -3.75
N ASN C 42 8.74 -9.47 -3.17
CA ASN C 42 7.80 -10.31 -3.90
C ASN C 42 6.36 -9.98 -3.50
N LEU C 43 5.46 -9.86 -4.48
CA LEU C 43 4.08 -9.55 -4.17
C LEU C 43 3.47 -10.55 -3.19
N LEU C 44 4.03 -11.75 -3.14
CA LEU C 44 3.53 -12.77 -2.23
C LEU C 44 3.65 -12.29 -0.77
N GLU C 45 4.60 -11.40 -0.52
CA GLU C 45 4.76 -10.88 0.84
C GLU C 45 3.52 -10.11 1.25
N ILE C 46 2.93 -9.37 0.30
CA ILE C 46 1.75 -8.57 0.56
C ILE C 46 0.48 -9.44 0.60
N CYS C 47 0.44 -10.47 -0.24
CA CYS C 47 -0.72 -11.36 -0.28
C CYS C 47 -0.97 -12.07 1.04
N ARG C 48 0.09 -12.27 1.82
CA ARG C 48 -0.05 -12.95 3.10
C ARG C 48 -0.60 -12.03 4.20
N VAL C 49 -0.78 -10.75 3.90
CA VAL C 49 -1.30 -9.82 4.90
C VAL C 49 -2.82 -9.71 4.83
N GLU C 50 -3.48 -9.85 5.99
CA GLU C 50 -4.93 -9.77 6.06
C GLU C 50 -5.45 -8.36 5.81
N THR C 51 -6.51 -8.28 5.02
CA THR C 51 -7.16 -7.02 4.70
C THR C 51 -8.67 -7.28 4.86
N ILE C 52 -9.44 -6.23 5.06
CA ILE C 52 -10.88 -6.39 5.29
C ILE C 52 -11.67 -6.84 4.07
N LEU C 53 -12.50 -7.85 4.30
CA LEU C 53 -13.36 -8.46 3.30
C LEU C 53 -14.75 -7.82 3.38
N GLU C 54 -15.30 -7.40 2.24
CA GLU C 54 -16.62 -6.76 2.24
C GLU C 54 -17.74 -7.79 2.06
N VAL C 55 -18.01 -8.54 3.12
CA VAL C 55 -19.04 -9.58 3.12
C VAL C 55 -20.44 -8.99 2.97
N ASN C 56 -20.65 -7.84 3.58
CA ASN C 56 -21.92 -7.13 3.58
C ASN C 56 -21.93 -6.10 2.43
N ASN C 57 -21.73 -6.60 1.20
CA ASN C 57 -21.67 -5.76 0.01
C ASN C 57 -23.05 -5.61 -0.66
N LEU C 58 -23.98 -5.01 0.06
CA LEU C 58 -25.35 -4.83 -0.45
C LEU C 58 -25.52 -3.60 -1.34
N LYS C 59 -26.62 -3.61 -2.11
CA LYS C 59 -26.95 -2.49 -2.99
C LYS C 59 -27.42 -1.29 -2.16
N THR C 60 -27.98 -1.59 -1.00
CA THR C 60 -28.49 -0.56 -0.11
C THR C 60 -27.42 0.02 0.82
N ASN C 61 -26.17 -0.38 0.60
CA ASN C 61 -25.00 0.07 1.37
C ASN C 61 -24.20 1.12 0.60
N GLU C 62 -24.21 1.01 -0.72
CA GLU C 62 -23.44 1.89 -1.59
C GLU C 62 -23.37 3.35 -1.18
N THR C 63 -24.46 3.91 -0.67
CA THR C 63 -24.46 5.33 -0.27
C THR C 63 -23.82 5.55 1.10
N THR C 64 -23.59 4.47 1.84
CA THR C 64 -22.95 4.52 3.16
C THR C 64 -21.99 3.33 3.20
N PRO C 65 -20.96 3.36 2.34
CA PRO C 65 -19.94 2.32 2.21
C PRO C 65 -19.26 1.77 3.47
N MET C 66 -19.15 2.58 4.52
CA MET C 66 -18.51 2.10 5.75
C MET C 66 -19.21 0.85 6.29
N GLN C 67 -20.52 0.74 6.02
CA GLN C 67 -21.28 -0.40 6.51
C GLN C 67 -20.96 -1.73 5.84
N ARG C 68 -20.22 -1.70 4.74
CA ARG C 68 -19.87 -2.93 4.05
C ARG C 68 -18.69 -3.64 4.71
N LEU C 69 -17.96 -2.91 5.55
CA LEU C 69 -16.78 -3.43 6.20
C LEU C 69 -17.03 -4.40 7.36
N CYS C 70 -18.29 -4.61 7.72
CA CYS C 70 -18.61 -5.57 8.79
C CYS C 70 -20.06 -6.04 8.69
N PHE C 71 -20.32 -7.28 9.07
CA PHE C 71 -21.69 -7.80 9.02
C PHE C 71 -22.20 -8.07 10.43
N PRO C 72 -23.53 -8.04 10.60
CA PRO C 72 -24.10 -8.26 11.93
C PRO C 72 -24.45 -9.69 12.37
N VAL C 73 -24.60 -9.82 13.68
CA VAL C 73 -25.03 -11.05 14.34
C VAL C 73 -25.89 -10.50 15.46
N SER C 74 -26.93 -11.25 15.84
CA SER C 74 -27.82 -10.78 16.90
C SER C 74 -28.66 -11.90 17.49
N VAL C 75 -29.35 -11.59 18.58
CA VAL C 75 -30.19 -12.55 19.26
C VAL C 75 -31.22 -13.10 18.29
N GLN C 76 -31.20 -14.42 18.12
CA GLN C 76 -32.12 -15.10 17.21
C GLN C 76 -33.23 -15.71 18.08
N SER C 77 -34.38 -15.99 17.47
CA SER C 77 -35.48 -16.61 18.21
C SER C 77 -35.62 -18.02 17.65
N LYS C 78 -35.07 -18.24 16.46
CA LYS C 78 -35.07 -19.54 15.79
C LYS C 78 -33.65 -20.10 15.81
N THR C 79 -33.52 -21.43 15.76
CA THR C 79 -32.20 -22.06 15.78
C THR C 79 -31.67 -22.45 14.41
N GLY C 80 -30.34 -22.58 14.31
CA GLY C 80 -29.70 -22.96 13.06
C GLY C 80 -29.85 -22.01 11.90
N GLU C 81 -30.04 -20.72 12.19
CA GLU C 81 -30.20 -19.72 11.14
C GLU C 81 -28.90 -19.42 10.40
N LEU C 82 -29.03 -19.04 9.13
CA LEU C 82 -27.90 -18.68 8.29
C LEU C 82 -27.59 -17.20 8.55
N CYS C 83 -26.34 -16.90 8.88
CA CYS C 83 -25.92 -15.53 9.17
C CYS C 83 -25.41 -14.80 7.94
N ALA C 84 -24.69 -15.52 7.07
CA ALA C 84 -24.13 -14.93 5.86
C ALA C 84 -23.52 -15.99 4.96
N ALA C 85 -23.29 -15.61 3.71
CA ALA C 85 -22.69 -16.53 2.74
C ALA C 85 -22.02 -15.77 1.62
N PHE C 86 -20.95 -16.34 1.09
CA PHE C 86 -20.25 -15.72 -0.03
C PHE C 86 -19.32 -16.74 -0.66
N ARG C 87 -18.91 -16.47 -1.90
CA ARG C 87 -18.02 -17.39 -2.60
C ARG C 87 -16.62 -17.21 -2.06
N ALA C 88 -15.81 -18.26 -2.21
CA ALA C 88 -14.43 -18.23 -1.75
C ALA C 88 -13.48 -17.78 -2.86
N ASP C 89 -13.99 -17.74 -4.09
CA ASP C 89 -13.23 -17.33 -5.28
C ASP C 89 -12.52 -15.98 -5.06
N PRO C 90 -11.21 -16.00 -4.79
CA PRO C 90 -10.45 -14.76 -4.56
C PRO C 90 -10.35 -13.74 -5.69
N GLY C 91 -10.44 -14.18 -6.95
CA GLY C 91 -10.32 -13.22 -8.04
C GLY C 91 -11.63 -12.91 -8.73
N ARG C 92 -12.74 -13.28 -8.09
CA ARG C 92 -14.07 -13.08 -8.67
C ARG C 92 -14.69 -11.79 -8.14
N ASP C 93 -15.61 -11.19 -8.91
CA ASP C 93 -16.27 -9.98 -8.44
C ASP C 93 -17.06 -10.36 -7.19
N GLY C 94 -16.95 -9.54 -6.15
CA GLY C 94 -17.63 -9.83 -4.91
C GLY C 94 -16.84 -9.33 -3.72
N PRO C 95 -17.10 -9.89 -2.53
CA PRO C 95 -16.41 -9.49 -1.31
C PRO C 95 -14.88 -9.45 -1.37
N TRP C 96 -14.25 -10.40 -2.06
CA TRP C 96 -12.80 -10.42 -2.10
C TRP C 96 -12.18 -9.23 -2.81
N GLN C 97 -12.95 -8.56 -3.66
CA GLN C 97 -12.42 -7.40 -4.37
C GLN C 97 -11.87 -6.32 -3.46
N SER C 98 -12.37 -6.24 -2.24
CA SER C 98 -11.91 -5.22 -1.29
C SER C 98 -10.57 -5.54 -0.64
N THR C 99 -10.13 -6.80 -0.73
CA THR C 99 -8.87 -7.21 -0.12
C THR C 99 -7.68 -6.95 -1.02
N ILE C 100 -6.52 -6.71 -0.42
CA ILE C 100 -5.30 -6.45 -1.16
C ILE C 100 -4.99 -7.74 -1.93
N LEU C 101 -5.37 -8.90 -1.38
CA LEU C 101 -5.14 -10.18 -2.04
C LEU C 101 -5.95 -10.26 -3.33
N GLY C 102 -7.22 -9.89 -3.26
CA GLY C 102 -8.07 -9.94 -4.43
C GLY C 102 -7.59 -9.00 -5.53
N GLN C 103 -7.26 -7.77 -5.14
CA GLN C 103 -6.77 -6.77 -6.09
C GLN C 103 -5.46 -7.22 -6.74
N LEU C 104 -4.53 -7.71 -5.94
CA LEU C 104 -3.25 -8.15 -6.47
C LEU C 104 -3.40 -9.40 -7.33
N CYS C 105 -4.26 -10.33 -6.96
CA CYS C 105 -4.35 -11.53 -7.76
C CYS C 105 -5.08 -11.28 -9.08
N ARG C 106 -5.62 -10.08 -9.25
CA ARG C 106 -6.28 -9.72 -10.49
C ARG C 106 -5.25 -9.26 -11.52
N TYR C 107 -3.98 -9.17 -11.10
CA TYR C 107 -2.88 -8.80 -11.99
C TYR C 107 -2.24 -10.09 -12.52
N TYR C 108 -2.83 -11.23 -12.19
CA TYR C 108 -2.32 -12.52 -12.65
C TYR C 108 -3.49 -13.36 -13.16
N THR C 109 -3.24 -14.20 -14.15
CA THR C 109 -4.28 -15.03 -14.75
C THR C 109 -4.64 -16.25 -13.92
N GLN C 110 -3.62 -16.84 -13.29
CA GLN C 110 -3.80 -18.05 -12.49
C GLN C 110 -3.28 -17.95 -11.06
N TRP C 111 -3.87 -18.74 -10.18
CA TRP C 111 -3.44 -18.76 -8.78
C TRP C 111 -3.56 -20.18 -8.22
N SER C 112 -2.82 -20.44 -7.13
CA SER C 112 -2.85 -21.74 -6.48
C SER C 112 -2.53 -21.58 -5.00
N GLY C 113 -3.13 -22.42 -4.17
CA GLY C 113 -2.85 -22.34 -2.75
C GLY C 113 -4.07 -22.25 -1.84
N SER C 114 -3.80 -22.37 -0.55
CA SER C 114 -4.83 -22.32 0.46
C SER C 114 -5.06 -20.87 0.88
N LEU C 115 -6.31 -20.55 1.17
CA LEU C 115 -6.66 -19.20 1.60
C LEU C 115 -6.94 -19.27 3.08
N GLU C 116 -7.13 -18.13 3.69
CA GLU C 116 -7.37 -18.07 5.12
C GLU C 116 -8.26 -16.86 5.43
N VAL C 117 -9.30 -17.09 6.21
CA VAL C 117 -10.22 -16.00 6.58
C VAL C 117 -10.34 -15.96 8.10
N THR C 118 -9.98 -14.82 8.68
CA THR C 118 -10.06 -14.66 10.13
C THR C 118 -11.20 -13.72 10.46
N PHE C 119 -12.10 -14.18 11.33
CA PHE C 119 -13.25 -13.39 11.75
C PHE C 119 -13.02 -12.85 13.16
N MET C 120 -13.18 -11.54 13.32
CA MET C 120 -13.01 -10.91 14.63
C MET C 120 -14.38 -10.43 15.12
N PHE C 121 -14.77 -10.87 16.32
CA PHE C 121 -16.05 -10.49 16.91
C PHE C 121 -15.88 -9.15 17.64
N ALA C 122 -16.69 -8.17 17.27
CA ALA C 122 -16.58 -6.85 17.90
C ALA C 122 -17.77 -6.51 18.81
N GLY C 123 -18.41 -7.54 19.37
CA GLY C 123 -19.51 -7.29 20.27
C GLY C 123 -18.99 -6.90 21.65
N SER C 124 -19.87 -6.82 22.64
CA SER C 124 -19.45 -6.45 23.98
C SER C 124 -18.84 -7.67 24.69
N PHE C 125 -18.06 -7.40 25.74
CA PHE C 125 -17.43 -8.46 26.52
C PHE C 125 -18.46 -9.42 27.13
N MET C 126 -19.64 -8.91 27.47
CA MET C 126 -20.69 -9.73 28.08
C MET C 126 -21.42 -10.66 27.11
N ALA C 127 -21.30 -10.43 25.82
CA ALA C 127 -21.97 -11.26 24.83
C ALA C 127 -21.21 -12.57 24.59
N THR C 128 -21.94 -13.65 24.35
CA THR C 128 -21.32 -14.94 24.08
C THR C 128 -22.06 -15.59 22.91
N GLY C 129 -21.55 -16.71 22.43
CA GLY C 129 -22.19 -17.40 21.33
C GLY C 129 -21.27 -18.34 20.58
N LYS C 130 -21.85 -19.27 19.84
CA LYS C 130 -21.08 -20.21 19.04
C LYS C 130 -21.58 -20.18 17.60
N MET C 131 -20.65 -20.02 16.65
CA MET C 131 -20.98 -19.98 15.22
C MET C 131 -20.34 -21.16 14.51
N LEU C 132 -20.97 -21.61 13.42
CA LEU C 132 -20.46 -22.71 12.62
C LEU C 132 -20.08 -22.09 11.28
N ILE C 133 -18.77 -22.00 11.01
CA ILE C 133 -18.31 -21.44 9.74
C ILE C 133 -17.93 -22.62 8.86
N ALA C 134 -18.50 -22.69 7.66
CA ALA C 134 -18.23 -23.81 6.76
C ALA C 134 -17.74 -23.43 5.38
N TYR C 135 -16.97 -24.35 4.80
CA TYR C 135 -16.44 -24.18 3.46
C TYR C 135 -16.88 -25.39 2.65
N THR C 136 -17.69 -25.13 1.63
CA THR C 136 -18.19 -26.19 0.78
C THR C 136 -17.44 -26.21 -0.54
N PRO C 137 -16.73 -27.32 -0.83
CA PRO C 137 -15.98 -27.47 -2.08
C PRO C 137 -16.93 -27.47 -3.27
N PRO C 138 -16.42 -27.21 -4.48
CA PRO C 138 -17.23 -27.18 -5.71
C PRO C 138 -18.25 -28.32 -5.86
N GLY C 139 -19.40 -28.02 -6.46
CA GLY C 139 -20.39 -29.04 -6.68
C GLY C 139 -21.76 -28.75 -6.11
N GLY C 140 -21.79 -28.30 -4.87
CA GLY C 140 -23.06 -28.02 -4.25
C GLY C 140 -23.34 -26.54 -4.08
N ASN C 141 -24.54 -26.11 -4.44
CA ASN C 141 -24.93 -24.71 -4.30
C ASN C 141 -24.86 -24.35 -2.83
N VAL C 142 -25.29 -23.14 -2.49
CA VAL C 142 -25.28 -22.71 -1.10
C VAL C 142 -26.09 -23.76 -0.32
N PRO C 143 -25.51 -24.35 0.73
CA PRO C 143 -26.20 -25.35 1.53
C PRO C 143 -27.54 -24.81 2.01
N ALA C 144 -28.61 -25.60 1.82
CA ALA C 144 -29.95 -25.20 2.22
C ALA C 144 -30.08 -24.93 3.71
N ASP C 145 -29.44 -25.77 4.52
CA ASP C 145 -29.50 -25.61 5.97
C ASP C 145 -28.16 -25.99 6.61
N ARG C 146 -28.07 -25.77 7.92
CA ARG C 146 -26.85 -26.05 8.67
C ARG C 146 -26.45 -27.52 8.66
N ILE C 147 -27.43 -28.40 8.76
CA ILE C 147 -27.14 -29.83 8.79
C ILE C 147 -26.52 -30.30 7.47
N THR C 148 -26.61 -29.47 6.43
CA THR C 148 -26.02 -29.83 5.15
C THR C 148 -24.62 -29.21 5.03
N ALA C 149 -24.51 -27.95 5.44
CA ALA C 149 -23.23 -27.23 5.38
C ALA C 149 -22.20 -27.94 6.27
N MET C 150 -22.69 -28.42 7.40
CA MET C 150 -21.90 -29.13 8.40
C MET C 150 -21.12 -30.31 7.81
N LEU C 151 -21.53 -30.80 6.65
CA LEU C 151 -20.87 -31.94 5.99
C LEU C 151 -19.57 -31.59 5.28
N GLY C 152 -19.27 -30.30 5.15
CA GLY C 152 -18.05 -29.90 4.49
C GLY C 152 -17.00 -29.50 5.50
N THR C 153 -15.97 -28.80 5.04
CA THR C 153 -14.89 -28.36 5.91
C THR C 153 -15.44 -27.23 6.77
N HIS C 154 -15.26 -27.32 8.08
CA HIS C 154 -15.78 -26.27 8.94
C HIS C 154 -15.11 -26.13 10.30
N VAL C 155 -15.39 -25.00 10.93
CA VAL C 155 -14.86 -24.68 12.24
C VAL C 155 -16.00 -24.19 13.12
N ILE C 156 -16.06 -24.66 14.36
CA ILE C 156 -17.08 -24.22 15.28
C ILE C 156 -16.38 -23.22 16.20
N TRP C 157 -16.76 -21.96 16.02
CA TRP C 157 -16.18 -20.82 16.73
C TRP C 157 -16.89 -20.48 18.05
N ASP C 158 -16.11 -20.33 19.12
CA ASP C 158 -16.68 -19.98 20.43
C ASP C 158 -16.16 -18.63 20.88
N PHE C 159 -17.05 -17.68 21.14
CA PHE C 159 -16.64 -16.34 21.59
C PHE C 159 -16.03 -16.39 22.99
N GLY C 160 -15.00 -15.58 23.21
CA GLY C 160 -14.32 -15.54 24.51
C GLY C 160 -13.21 -14.51 24.48
N LEU C 161 -12.21 -14.65 25.37
CA LEU C 161 -11.10 -13.69 25.41
C LEU C 161 -10.45 -13.55 24.04
N GLN C 162 -10.41 -14.65 23.30
CA GLN C 162 -9.85 -14.64 21.94
C GLN C 162 -10.95 -14.11 21.04
N SER C 163 -10.80 -12.87 20.63
CA SER C 163 -11.81 -12.23 19.79
C SER C 163 -12.00 -12.87 18.43
N SER C 164 -10.91 -13.40 17.87
CA SER C 164 -10.96 -13.97 16.53
C SER C 164 -10.83 -15.48 16.37
N VAL C 165 -11.16 -15.95 15.17
CA VAL C 165 -11.05 -17.37 14.82
C VAL C 165 -10.63 -17.41 13.36
N THR C 166 -10.01 -18.50 12.95
CA THR C 166 -9.57 -18.62 11.57
C THR C 166 -10.16 -19.81 10.84
N LEU C 167 -10.80 -19.52 9.71
CA LEU C 167 -11.37 -20.57 8.89
C LEU C 167 -10.34 -20.76 7.80
N VAL C 168 -9.84 -21.98 7.66
CA VAL C 168 -8.88 -22.23 6.63
C VAL C 168 -9.64 -22.68 5.38
N VAL C 169 -9.35 -22.09 4.23
CA VAL C 169 -9.99 -22.53 2.98
C VAL C 169 -8.90 -23.31 2.27
N PRO C 170 -8.75 -24.59 2.64
CA PRO C 170 -7.73 -25.46 2.04
C PRO C 170 -7.85 -25.60 0.55
N TRP C 171 -6.71 -25.59 -0.13
CA TRP C 171 -6.69 -25.73 -1.57
C TRP C 171 -7.20 -27.11 -1.97
N ILE C 172 -8.42 -27.16 -2.49
CA ILE C 172 -9.00 -28.43 -2.94
C ILE C 172 -9.48 -28.20 -4.36
N SER C 173 -8.63 -28.58 -5.30
CA SER C 173 -8.92 -28.38 -6.70
C SER C 173 -8.50 -29.60 -7.50
N ASN C 174 -8.97 -29.71 -8.73
CA ASN C 174 -8.58 -30.82 -9.57
C ASN C 174 -7.30 -30.43 -10.31
N THR C 175 -7.24 -29.18 -10.75
CA THR C 175 -6.08 -28.67 -11.46
C THR C 175 -5.09 -28.04 -10.49
N HIS C 176 -3.80 -28.10 -10.82
CA HIS C 176 -2.76 -27.51 -9.97
C HIS C 176 -2.96 -26.01 -9.79
N TYR C 177 -3.53 -25.38 -10.82
CA TYR C 177 -3.81 -23.94 -10.77
C TYR C 177 -5.25 -23.69 -11.19
N ARG C 178 -5.75 -22.51 -10.83
CA ARG C 178 -7.10 -22.11 -11.20
C ARG C 178 -6.98 -20.75 -11.88
N ALA C 179 -7.79 -20.52 -12.91
CA ALA C 179 -7.81 -19.21 -13.57
C ALA C 179 -8.95 -18.52 -12.81
N HIS C 180 -9.16 -17.23 -13.00
CA HIS C 180 -10.24 -16.57 -12.27
C HIS C 180 -11.60 -17.09 -12.68
N ALA C 181 -12.43 -17.39 -11.68
CA ALA C 181 -13.77 -17.91 -11.91
C ALA C 181 -14.80 -16.83 -12.25
N ARG C 182 -15.62 -17.14 -13.25
CA ARG C 182 -16.68 -16.24 -13.72
C ARG C 182 -17.83 -17.13 -14.16
N ALA C 183 -19.01 -16.55 -14.36
CA ALA C 183 -20.16 -17.33 -14.82
C ALA C 183 -19.81 -17.88 -16.22
N GLY C 184 -20.22 -19.11 -16.50
CA GLY C 184 -19.93 -19.70 -17.79
C GLY C 184 -18.88 -20.79 -17.70
N TYR C 185 -18.17 -21.04 -18.80
CA TYR C 185 -17.15 -22.08 -18.80
C TYR C 185 -16.17 -21.97 -17.64
N PHE C 186 -15.72 -20.76 -17.32
CA PHE C 186 -14.75 -20.61 -16.25
C PHE C 186 -15.24 -20.89 -14.83
N ASP C 187 -16.51 -21.28 -14.68
CA ASP C 187 -17.02 -21.61 -13.35
C ASP C 187 -16.38 -22.94 -12.93
N TYR C 188 -15.69 -23.56 -13.89
CA TYR C 188 -14.97 -24.80 -13.70
C TYR C 188 -13.89 -24.56 -12.64
N TYR C 189 -13.45 -23.31 -12.53
CA TYR C 189 -12.42 -22.93 -11.56
C TYR C 189 -12.99 -22.39 -10.26
N THR C 190 -14.30 -22.49 -10.04
CA THR C 190 -14.83 -21.93 -8.82
C THR C 190 -14.21 -22.65 -7.62
N THR C 191 -13.94 -21.89 -6.56
CA THR C 191 -13.31 -22.44 -5.36
C THR C 191 -14.32 -23.06 -4.41
N GLY C 192 -15.51 -22.47 -4.33
CA GLY C 192 -16.52 -23.01 -3.44
C GLY C 192 -17.30 -21.93 -2.71
N ILE C 193 -18.01 -22.35 -1.67
CA ILE C 193 -18.83 -21.42 -0.90
C ILE C 193 -18.56 -21.44 0.59
N ILE C 194 -18.60 -20.26 1.18
CA ILE C 194 -18.39 -20.12 2.62
C ILE C 194 -19.72 -19.66 3.23
N THR C 195 -20.16 -20.34 4.29
CA THR C 195 -21.40 -19.97 4.96
C THR C 195 -21.17 -19.94 6.46
N ILE C 196 -21.82 -18.98 7.11
CA ILE C 196 -21.70 -18.82 8.56
C ILE C 196 -23.06 -19.09 9.20
N TRP C 197 -23.13 -20.07 10.09
CA TRP C 197 -24.38 -20.42 10.75
C TRP C 197 -24.33 -20.23 12.27
N TYR C 198 -25.50 -20.15 12.88
CA TYR C 198 -25.57 -20.02 14.33
C TYR C 198 -25.47 -21.44 14.89
N GLN C 199 -24.40 -21.74 15.62
CA GLN C 199 -24.28 -23.08 16.20
C GLN C 199 -25.26 -23.10 17.39
N THR C 200 -25.17 -22.11 18.27
CA THR C 200 -26.12 -22.01 19.40
C THR C 200 -26.89 -20.71 19.18
N ASN C 201 -26.49 -19.64 19.86
CA ASN C 201 -27.17 -18.36 19.69
C ASN C 201 -26.30 -17.24 20.25
N TYR C 202 -26.58 -16.01 19.83
CA TYR C 202 -25.85 -14.85 20.35
C TYR C 202 -26.65 -14.49 21.61
N VAL C 203 -26.06 -14.76 22.77
CA VAL C 203 -26.71 -14.52 24.04
C VAL C 203 -26.11 -13.32 24.75
N VAL C 204 -26.96 -12.53 25.37
CA VAL C 204 -26.48 -11.34 26.04
C VAL C 204 -27.33 -11.05 27.28
N PRO C 205 -26.73 -10.44 28.32
CA PRO C 205 -27.52 -10.15 29.52
C PRO C 205 -28.23 -8.82 29.38
N ILE C 206 -28.98 -8.41 30.39
CA ILE C 206 -29.66 -7.13 30.36
C ILE C 206 -28.56 -6.06 30.31
N GLY C 207 -28.82 -4.96 29.61
CA GLY C 207 -27.84 -3.88 29.55
C GLY C 207 -26.83 -3.89 28.41
N ALA C 208 -26.84 -4.94 27.58
CA ALA C 208 -25.91 -5.01 26.46
C ALA C 208 -26.64 -5.06 25.13
N PRO C 209 -26.07 -4.43 24.08
CA PRO C 209 -26.71 -4.43 22.75
C PRO C 209 -27.09 -5.82 22.27
N THR C 210 -28.25 -5.93 21.64
CA THR C 210 -28.69 -7.23 21.14
C THR C 210 -28.23 -7.45 19.71
N THR C 211 -27.38 -6.55 19.23
CA THR C 211 -26.81 -6.65 17.89
C THR C 211 -25.36 -6.18 17.94
N ALA C 212 -24.48 -6.99 17.36
CA ALA C 212 -23.06 -6.66 17.33
C ALA C 212 -22.55 -7.00 15.93
N TYR C 213 -21.31 -6.65 15.64
CA TYR C 213 -20.77 -6.94 14.32
C TYR C 213 -19.50 -7.77 14.32
N ILE C 214 -19.21 -8.33 13.15
CA ILE C 214 -18.04 -9.17 12.93
C ILE C 214 -17.26 -8.62 11.74
N VAL C 215 -15.95 -8.51 11.89
CA VAL C 215 -15.10 -8.03 10.79
C VAL C 215 -14.39 -9.25 10.20
N ALA C 216 -14.40 -9.36 8.87
CA ALA C 216 -13.75 -10.49 8.21
C ALA C 216 -12.46 -10.03 7.54
N LEU C 217 -11.37 -10.73 7.84
CA LEU C 217 -10.07 -10.40 7.25
C LEU C 217 -9.58 -11.61 6.47
N ALA C 218 -9.06 -11.39 5.27
CA ALA C 218 -8.59 -12.50 4.47
C ALA C 218 -7.19 -12.31 3.90
N ALA C 219 -6.54 -13.44 3.65
CA ALA C 219 -5.19 -13.46 3.10
C ALA C 219 -4.85 -14.86 2.60
N ALA C 220 -3.67 -14.98 1.98
CA ALA C 220 -3.23 -16.27 1.45
C ALA C 220 -2.30 -16.94 2.45
N GLN C 221 -2.19 -18.26 2.33
CA GLN C 221 -1.30 -19.03 3.20
C GLN C 221 0.06 -19.19 2.51
N ASP C 222 0.99 -19.89 3.16
CA ASP C 222 2.34 -20.07 2.61
C ASP C 222 2.47 -20.87 1.32
N ASN C 223 1.46 -21.64 0.94
CA ASN C 223 1.56 -22.43 -0.28
C ASN C 223 0.89 -21.76 -1.47
N PHE C 224 0.68 -20.46 -1.35
CA PHE C 224 0.01 -19.68 -2.39
C PHE C 224 0.97 -18.99 -3.36
N THR C 225 0.67 -19.12 -4.66
CA THR C 225 1.47 -18.46 -5.69
C THR C 225 0.53 -18.08 -6.83
N MET C 226 1.01 -17.22 -7.71
CA MET C 226 0.23 -16.77 -8.85
C MET C 226 1.15 -16.81 -10.05
N LYS C 227 0.57 -16.86 -11.25
CA LYS C 227 1.39 -16.85 -12.45
C LYS C 227 0.61 -16.31 -13.66
N LEU C 228 1.35 -15.95 -14.70
CA LEU C 228 0.83 -15.38 -15.95
C LEU C 228 0.32 -13.97 -15.74
N CYS C 229 1.28 -13.04 -15.67
CA CYS C 229 1.03 -11.63 -15.48
C CYS C 229 0.10 -11.04 -16.52
N LYS C 230 -0.89 -10.28 -16.07
CA LYS C 230 -1.86 -9.67 -16.98
C LYS C 230 -2.34 -8.34 -16.42
N ASP C 231 -3.02 -7.55 -17.25
CA ASP C 231 -3.56 -6.29 -16.80
C ASP C 231 -4.87 -6.52 -16.07
N THR C 232 -5.15 -5.66 -15.10
CA THR C 232 -6.36 -5.78 -14.30
C THR C 232 -7.60 -5.16 -14.92
N GLU C 233 -8.76 -5.56 -14.41
CA GLU C 233 -10.05 -5.07 -14.88
C GLU C 233 -10.48 -3.94 -13.96
N ASP C 234 -9.96 -3.98 -12.72
CA ASP C 234 -10.31 -3.01 -11.70
C ASP C 234 -9.82 -1.56 -11.85
N ILE C 235 -9.34 -1.20 -13.03
CA ILE C 235 -8.93 0.19 -13.26
C ILE C 235 -9.06 0.55 -14.72
N GLU C 236 -9.71 1.67 -14.97
CA GLU C 236 -9.92 2.11 -16.34
C GLU C 236 -9.69 3.61 -16.46
N GLN C 237 -9.49 4.04 -17.69
CA GLN C 237 -9.29 5.45 -17.96
C GLN C 237 -10.42 5.87 -18.89
N THR C 238 -11.55 6.18 -18.28
CA THR C 238 -12.75 6.60 -19.00
C THR C 238 -12.46 7.91 -19.74
N ALA C 239 -11.90 8.88 -19.02
CA ALA C 239 -11.55 10.17 -19.59
C ALA C 239 -10.05 10.39 -19.52
N ASN C 240 -9.61 11.54 -20.00
CA ASN C 240 -8.19 11.90 -20.00
C ASN C 240 -7.81 12.32 -18.58
N ILE C 241 -6.53 12.22 -18.25
CA ILE C 241 -6.05 12.61 -16.92
C ILE C 241 -5.23 13.90 -17.09
N GLN C 242 -5.83 15.03 -16.70
CA GLN C 242 -5.17 16.33 -16.83
C GLN C 242 -4.16 16.63 -15.73
N HIS D 13 36.37 -3.98 -17.19
CA HIS D 13 35.22 -3.95 -16.24
C HIS D 13 34.30 -2.76 -16.58
N GLU D 14 33.28 -2.52 -15.74
CA GLU D 14 32.35 -1.41 -16.00
C GLU D 14 32.09 -0.51 -14.78
N ASN D 15 31.39 0.60 -15.03
CA ASN D 15 31.05 1.55 -13.97
C ASN D 15 29.90 0.97 -13.16
N SER D 16 30.01 1.00 -11.83
CA SER D 16 28.95 0.48 -10.98
C SER D 16 27.90 1.55 -10.74
N ASN D 17 27.13 1.85 -11.77
CA ASN D 17 26.09 2.88 -11.67
C ASN D 17 24.67 2.36 -11.91
N SER D 18 24.43 1.12 -11.50
CA SER D 18 23.11 0.51 -11.63
C SER D 18 22.24 0.97 -10.46
N ALA D 19 20.95 1.12 -10.69
CA ALA D 19 20.03 1.56 -9.64
C ALA D 19 20.10 0.66 -8.41
N SER D 20 20.40 -0.62 -8.63
CA SER D 20 20.51 -1.57 -7.54
C SER D 20 21.98 -2.03 -7.36
N TYR D 27 22.42 -9.48 -10.99
CA TYR D 27 23.58 -10.31 -10.70
C TYR D 27 23.82 -11.36 -11.81
N THR D 28 22.80 -11.52 -12.68
CA THR D 28 22.87 -12.46 -13.80
C THR D 28 22.33 -11.73 -15.04
N THR D 29 22.84 -10.53 -15.25
CA THR D 29 22.44 -9.65 -16.35
C THR D 29 23.42 -9.69 -17.52
N ILE D 30 23.02 -9.08 -18.64
CA ILE D 30 23.86 -9.02 -19.84
C ILE D 30 24.13 -7.56 -20.15
N ASN D 31 25.31 -7.26 -20.72
CA ASN D 31 25.66 -5.87 -21.03
C ASN D 31 26.79 -5.74 -22.06
N TYR D 32 26.73 -4.71 -22.91
CA TYR D 32 27.76 -4.46 -23.92
C TYR D 32 28.28 -3.01 -23.80
N TYR D 33 27.80 -2.27 -22.81
CA TYR D 33 28.23 -0.89 -22.63
C TYR D 33 28.97 -0.71 -21.32
N LYS D 34 29.75 0.36 -21.20
CA LYS D 34 30.52 0.60 -19.99
C LYS D 34 29.70 0.98 -18.76
N ASP D 35 28.43 1.33 -18.94
CA ASP D 35 27.61 1.71 -17.80
C ASP D 35 26.65 0.59 -17.40
N ALA D 36 26.74 0.17 -16.15
CA ALA D 36 25.91 -0.92 -15.64
C ALA D 36 24.40 -0.77 -15.79
N TYR D 37 23.88 0.45 -15.65
CA TYR D 37 22.43 0.62 -15.76
C TYR D 37 21.89 0.28 -17.15
N ALA D 38 22.78 0.17 -18.13
CA ALA D 38 22.36 -0.18 -19.48
C ALA D 38 22.00 -1.66 -19.56
N ALA D 39 22.50 -2.43 -18.59
CA ALA D 39 22.26 -3.87 -18.53
C ALA D 39 20.78 -4.26 -18.49
N SER D 40 20.50 -5.50 -18.86
CA SER D 40 19.15 -6.03 -18.86
C SER D 40 18.68 -6.20 -17.41
N ALA D 41 17.43 -6.64 -17.26
CA ALA D 41 16.83 -6.84 -15.95
C ALA D 41 17.41 -8.09 -15.28
N GLY D 42 17.72 -9.11 -16.08
CA GLY D 42 18.26 -10.35 -15.54
C GLY D 42 17.23 -11.21 -14.82
N ARG D 43 17.65 -12.37 -14.34
CA ARG D 43 16.73 -13.27 -13.62
C ARG D 43 16.44 -12.68 -12.24
N GLN D 44 15.16 -12.71 -11.87
CA GLN D 44 14.72 -12.16 -10.59
C GLN D 44 14.96 -13.14 -9.45
N ASP D 45 15.39 -12.64 -8.30
CA ASP D 45 15.64 -13.53 -7.18
C ASP D 45 14.35 -13.78 -6.42
N MET D 46 14.31 -14.88 -5.68
CA MET D 46 13.12 -15.24 -4.94
C MET D 46 13.25 -15.11 -3.42
N SER D 47 13.78 -13.96 -3.00
CA SER D 47 13.94 -13.68 -1.58
C SER D 47 12.66 -13.06 -1.05
N GLN D 48 12.33 -13.38 0.20
CA GLN D 48 11.12 -12.87 0.82
C GLN D 48 11.29 -12.72 2.32
N ASP D 49 10.48 -11.85 2.90
CA ASP D 49 10.50 -11.62 4.33
C ASP D 49 9.11 -11.18 4.72
N PRO D 50 8.14 -12.11 4.67
CA PRO D 50 6.74 -11.84 5.01
C PRO D 50 6.55 -11.32 6.44
N LYS D 51 7.31 -11.88 7.37
CA LYS D 51 7.22 -11.52 8.79
C LYS D 51 7.14 -10.03 9.10
N LYS D 52 7.92 -9.19 8.41
CA LYS D 52 7.90 -7.76 8.70
C LYS D 52 6.52 -7.14 8.42
N PHE D 53 5.71 -7.80 7.61
CA PHE D 53 4.37 -7.32 7.29
C PHE D 53 3.27 -8.11 7.97
N THR D 54 3.48 -9.40 8.17
CA THR D 54 2.46 -10.25 8.78
C THR D 54 2.53 -10.48 10.28
N ASP D 55 3.69 -10.25 10.87
CA ASP D 55 3.85 -10.50 12.30
C ASP D 55 4.83 -9.51 12.93
N PRO D 56 4.59 -8.19 12.74
CA PRO D 56 5.46 -7.15 13.28
C PRO D 56 5.21 -6.82 14.74
N VAL D 57 5.00 -7.86 15.55
CA VAL D 57 4.74 -7.64 16.98
C VAL D 57 5.97 -7.97 17.82
N MET D 58 6.08 -7.30 18.96
CA MET D 58 7.20 -7.47 19.87
C MET D 58 7.26 -8.88 20.47
N ASP D 59 6.20 -9.29 21.15
CA ASP D 59 6.12 -10.64 21.75
C ASP D 59 5.62 -11.57 20.66
N VAL D 60 6.52 -12.14 19.85
CA VAL D 60 6.12 -13.03 18.76
C VAL D 60 5.07 -14.07 19.22
N ILE D 61 3.79 -13.84 18.84
CA ILE D 61 2.69 -14.74 19.21
C ILE D 61 2.88 -16.12 18.55
N HIS D 62 2.77 -17.16 19.36
CA HIS D 62 2.93 -18.55 18.90
C HIS D 62 1.74 -19.05 18.08
N GLU D 63 1.80 -20.33 17.67
CA GLU D 63 0.74 -20.95 16.86
C GLU D 63 -0.12 -21.92 17.68
N MET D 64 0.35 -22.28 18.87
CA MET D 64 -0.35 -23.23 19.74
C MET D 64 -1.26 -22.54 20.79
N ALA D 65 -0.66 -21.82 21.74
CA ALA D 65 -1.43 -21.14 22.78
C ALA D 65 -2.07 -19.86 22.24
N PRO D 66 -3.13 -19.37 22.92
CA PRO D 66 -3.85 -18.16 22.51
C PRO D 66 -2.97 -16.88 22.51
N PRO D 67 -2.99 -16.10 21.39
CA PRO D 67 -2.20 -14.86 21.26
C PRO D 67 -2.40 -13.77 22.33
N LEU D 68 -3.27 -14.04 23.31
CA LEU D 68 -3.55 -13.12 24.41
C LEU D 68 -3.81 -13.89 25.72
N LYS D 69 -2.99 -13.64 26.73
CA LYS D 69 -3.15 -14.33 28.02
C LYS D 69 -2.28 -13.69 29.10
#